data_1BDD
# 
_entry.id   1BDD 
# 
_audit_conform.dict_name       mmcif_pdbx.dic 
_audit_conform.dict_version    5.392 
_audit_conform.dict_location   http://mmcif.pdb.org/dictionaries/ascii/mmcif_pdbx.dic 
# 
loop_
_database_2.database_id 
_database_2.database_code 
_database_2.pdbx_database_accession 
_database_2.pdbx_DOI 
PDB   1BDD         pdb_00001bdd 10.2210/pdb1bdd/pdb 
WWPDB D_1000171619 ?            ?                   
# 
loop_
_pdbx_audit_revision_history.ordinal 
_pdbx_audit_revision_history.data_content_type 
_pdbx_audit_revision_history.major_revision 
_pdbx_audit_revision_history.minor_revision 
_pdbx_audit_revision_history.revision_date 
1 'Structure model' 1 0 1997-01-11 
2 'Structure model' 1 1 2008-03-24 
3 'Structure model' 1 2 2011-07-13 
4 'Structure model' 1 3 2022-02-16 
5 'Structure model' 1 4 2024-05-22 
# 
_pdbx_audit_revision_details.ordinal             1 
_pdbx_audit_revision_details.revision_ordinal    1 
_pdbx_audit_revision_details.data_content_type   'Structure model' 
_pdbx_audit_revision_details.provider            repository 
_pdbx_audit_revision_details.type                'Initial release' 
_pdbx_audit_revision_details.description         ? 
_pdbx_audit_revision_details.details             ? 
# 
loop_
_pdbx_audit_revision_group.ordinal 
_pdbx_audit_revision_group.revision_ordinal 
_pdbx_audit_revision_group.data_content_type 
_pdbx_audit_revision_group.group 
1 2 'Structure model' 'Version format compliance' 
2 3 'Structure model' 'Version format compliance' 
3 4 'Structure model' 'Database references'       
4 4 'Structure model' 'Derived calculations'      
5 4 'Structure model' Other                       
6 5 'Structure model' 'Data collection'           
# 
loop_
_pdbx_audit_revision_category.ordinal 
_pdbx_audit_revision_category.revision_ordinal 
_pdbx_audit_revision_category.data_content_type 
_pdbx_audit_revision_category.category 
1 4 'Structure model' database_2            
2 4 'Structure model' pdbx_database_status  
3 4 'Structure model' pdbx_struct_assembly  
4 4 'Structure model' pdbx_struct_oper_list 
5 5 'Structure model' chem_comp_atom        
6 5 'Structure model' chem_comp_bond        
# 
loop_
_pdbx_audit_revision_item.ordinal 
_pdbx_audit_revision_item.revision_ordinal 
_pdbx_audit_revision_item.data_content_type 
_pdbx_audit_revision_item.item 
1 4 'Structure model' '_database_2.pdbx_DOI'                
2 4 'Structure model' '_database_2.pdbx_database_accession' 
3 4 'Structure model' '_pdbx_database_status.process_site'  
# 
_pdbx_database_status.status_code                     REL 
_pdbx_database_status.entry_id                        1BDD 
_pdbx_database_status.recvd_initial_deposition_date   1996-06-28 
_pdbx_database_status.deposit_site                    ? 
_pdbx_database_status.process_site                    BNL 
_pdbx_database_status.SG_entry                        . 
_pdbx_database_status.pdb_format_compatible           Y 
_pdbx_database_status.status_code_mr                  ? 
_pdbx_database_status.status_code_sf                  ? 
_pdbx_database_status.status_code_cs                  ? 
_pdbx_database_status.status_code_nmr_data            ? 
_pdbx_database_status.methods_development_category    ? 
# 
_pdbx_database_related.db_name        PDB 
_pdbx_database_related.db_id          1BDC 
_pdbx_database_related.details        . 
_pdbx_database_related.content_type   ensemble 
# 
loop_
_audit_author.name 
_audit_author.pdbx_ordinal 
'Gouda, H.'   1 
'Torigoe, H.' 2 
'Saito, A.'   3 
'Sato, M.'    4 
'Arata, Y.'   5 
'Shimada, I.' 6 
# 
loop_
_citation.id 
_citation.title 
_citation.journal_abbrev 
_citation.journal_volume 
_citation.page_first 
_citation.page_last 
_citation.year 
_citation.journal_id_ASTM 
_citation.country 
_citation.journal_id_ISSN 
_citation.journal_id_CSD 
_citation.book_publisher 
_citation.pdbx_database_id_PubMed 
_citation.pdbx_database_id_DOI 
primary 
;Three-dimensional solution structure of the B domain of staphylococcal protein A: comparisons of the solution and crystal structures.
;
Biochemistry   31  9665 9672 1992 BICHAW US 0006-2960 0033 ? 1390743 10.1021/bi00155a020 
1       
;15N Nuclear Magnetic Resonance Studies of the B Domain of Staphylococcal Protein A: Sequence Specific Assignments of the Imide 15N Resonances of the Proline Residues and the Interaction with Human Immunoglobulin G
;
'FEBS Lett.'   269 174  ?    1990 FEBLAL NE 0014-5793 0165 ? ?       ?                   
2       
;Sequential 1H NMR Assignments and Secondary Structure of the B Domain of Staphylococcal Protein A: Structural Changes between the Free B Domain in Solution and the Fc-Bound B Domain in Crystal
;
Biochemistry   29  8787 ?    1990 BICHAW US 0006-2960 0033 ? ?       ?                   
3       'High Level Expression of a Synthetic Gene Coding for Igg-Binding Domain B of Staphylococcal Protein A' 'Protein Eng.' 2   
481  ?    1989 PRENE9 UK 0269-2139 0859 ? ?       ?                   
# 
loop_
_citation_author.citation_id 
_citation_author.name 
_citation_author.ordinal 
_citation_author.identifier_ORCID 
primary 'Gouda, H.'    1  ? 
primary 'Torigoe, H.'  2  ? 
primary 'Saito, A.'    3  ? 
primary 'Sato, M.'     4  ? 
primary 'Arata, Y.'    5  ? 
primary 'Shimada, I.'  6  ? 
1       'Torigoe, H.'  7  ? 
1       'Shimada, I.'  8  ? 
1       'Waelchli, M.' 9  ? 
1       'Saito, A.'    10 ? 
1       'Sato, M.'     11 ? 
1       'Arata, Y.'    12 ? 
2       'Torigoe, H.'  13 ? 
2       'Shimada, I.'  14 ? 
2       'Saito, A.'    15 ? 
2       'Sato, M.'     16 ? 
2       'Arata, Y.'    17 ? 
3       'Saito, A.'    18 ? 
3       'Honda, S.'    19 ? 
3       'Nishi, T.'    20 ? 
3       'Koike, M.'    21 ? 
3       'Okazaki, K.'  22 ? 
3       'Itoh, S.'     23 ? 
3       'Sato, M.'     24 ? 
# 
_entity.id                         1 
_entity.type                       polymer 
_entity.src_method                 man 
_entity.pdbx_description           'STAPHYLOCOCCUS AUREUS PROTEIN A' 
_entity.formula_weight             6778.418 
_entity.pdbx_number_of_molecules   1 
_entity.pdbx_ec                    ? 
_entity.pdbx_mutation              ? 
_entity.pdbx_fragment              'B DOMAIN' 
_entity.details                    ? 
# 
_entity_poly.entity_id                      1 
_entity_poly.type                           'polypeptide(L)' 
_entity_poly.nstd_linkage                   no 
_entity_poly.nstd_monomer                   no 
_entity_poly.pdbx_seq_one_letter_code       TADNKFNKEQQNAFYEILHLPNLNEEQRNGFIQSLKDDPSQSANLLAEAKKLNDAQAPKA 
_entity_poly.pdbx_seq_one_letter_code_can   TADNKFNKEQQNAFYEILHLPNLNEEQRNGFIQSLKDDPSQSANLLAEAKKLNDAQAPKA 
_entity_poly.pdbx_strand_id                 A 
_entity_poly.pdbx_target_identifier         ? 
# 
loop_
_entity_poly_seq.entity_id 
_entity_poly_seq.num 
_entity_poly_seq.mon_id 
_entity_poly_seq.hetero 
1 1  THR n 
1 2  ALA n 
1 3  ASP n 
1 4  ASN n 
1 5  LYS n 
1 6  PHE n 
1 7  ASN n 
1 8  LYS n 
1 9  GLU n 
1 10 GLN n 
1 11 GLN n 
1 12 ASN n 
1 13 ALA n 
1 14 PHE n 
1 15 TYR n 
1 16 GLU n 
1 17 ILE n 
1 18 LEU n 
1 19 HIS n 
1 20 LEU n 
1 21 PRO n 
1 22 ASN n 
1 23 LEU n 
1 24 ASN n 
1 25 GLU n 
1 26 GLU n 
1 27 GLN n 
1 28 ARG n 
1 29 ASN n 
1 30 GLY n 
1 31 PHE n 
1 32 ILE n 
1 33 GLN n 
1 34 SER n 
1 35 LEU n 
1 36 LYS n 
1 37 ASP n 
1 38 ASP n 
1 39 PRO n 
1 40 SER n 
1 41 GLN n 
1 42 SER n 
1 43 ALA n 
1 44 ASN n 
1 45 LEU n 
1 46 LEU n 
1 47 ALA n 
1 48 GLU n 
1 49 ALA n 
1 50 LYS n 
1 51 LYS n 
1 52 LEU n 
1 53 ASN n 
1 54 ASP n 
1 55 ALA n 
1 56 GLN n 
1 57 ALA n 
1 58 PRO n 
1 59 LYS n 
1 60 ALA n 
# 
_entity_src_gen.entity_id                          1 
_entity_src_gen.pdbx_src_id                        1 
_entity_src_gen.pdbx_alt_source_flag               sample 
_entity_src_gen.pdbx_seq_type                      ? 
_entity_src_gen.pdbx_beg_seq_num                   ? 
_entity_src_gen.pdbx_end_seq_num                   ? 
_entity_src_gen.gene_src_common_name               ? 
_entity_src_gen.gene_src_genus                     Staphylococcus 
_entity_src_gen.pdbx_gene_src_gene                 'SYNTHETIC GENE' 
_entity_src_gen.gene_src_species                   ? 
_entity_src_gen.gene_src_strain                    ? 
_entity_src_gen.gene_src_tissue                    ? 
_entity_src_gen.gene_src_tissue_fraction           ? 
_entity_src_gen.gene_src_details                   ? 
_entity_src_gen.pdbx_gene_src_fragment             ? 
_entity_src_gen.pdbx_gene_src_scientific_name      'Staphylococcus aureus' 
_entity_src_gen.pdbx_gene_src_ncbi_taxonomy_id     1280 
_entity_src_gen.pdbx_gene_src_variant              ? 
_entity_src_gen.pdbx_gene_src_cell_line            ? 
_entity_src_gen.pdbx_gene_src_atcc                 ? 
_entity_src_gen.pdbx_gene_src_organ                ? 
_entity_src_gen.pdbx_gene_src_organelle            ? 
_entity_src_gen.pdbx_gene_src_cell                 ? 
_entity_src_gen.pdbx_gene_src_cellular_location    ? 
_entity_src_gen.host_org_common_name               ? 
_entity_src_gen.pdbx_host_org_scientific_name      'Escherichia coli' 
_entity_src_gen.pdbx_host_org_ncbi_taxonomy_id     562 
_entity_src_gen.host_org_genus                     Escherichia 
_entity_src_gen.pdbx_host_org_gene                 ? 
_entity_src_gen.pdbx_host_org_organ                ? 
_entity_src_gen.host_org_species                   ? 
_entity_src_gen.pdbx_host_org_tissue               ? 
_entity_src_gen.pdbx_host_org_tissue_fraction      ? 
_entity_src_gen.pdbx_host_org_strain               ? 
_entity_src_gen.pdbx_host_org_variant              ? 
_entity_src_gen.pdbx_host_org_cell_line            ? 
_entity_src_gen.pdbx_host_org_atcc                 ? 
_entity_src_gen.pdbx_host_org_culture_collection   ? 
_entity_src_gen.pdbx_host_org_cell                 ? 
_entity_src_gen.pdbx_host_org_organelle            ? 
_entity_src_gen.pdbx_host_org_cellular_location    ? 
_entity_src_gen.pdbx_host_org_vector_type          ? 
_entity_src_gen.pdbx_host_org_vector               ? 
_entity_src_gen.host_org_details                   ? 
_entity_src_gen.expression_system_id               ? 
_entity_src_gen.plasmid_name                       PPRAFW1 
_entity_src_gen.plasmid_details                    ? 
_entity_src_gen.pdbx_description                   ? 
# 
loop_
_chem_comp.id 
_chem_comp.type 
_chem_comp.mon_nstd_flag 
_chem_comp.name 
_chem_comp.pdbx_synonyms 
_chem_comp.formula 
_chem_comp.formula_weight 
ALA 'L-peptide linking' y ALANINE         ? 'C3 H7 N O2'     89.093  
ARG 'L-peptide linking' y ARGININE        ? 'C6 H15 N4 O2 1' 175.209 
ASN 'L-peptide linking' y ASPARAGINE      ? 'C4 H8 N2 O3'    132.118 
ASP 'L-peptide linking' y 'ASPARTIC ACID' ? 'C4 H7 N O4'     133.103 
GLN 'L-peptide linking' y GLUTAMINE       ? 'C5 H10 N2 O3'   146.144 
GLU 'L-peptide linking' y 'GLUTAMIC ACID' ? 'C5 H9 N O4'     147.129 
GLY 'peptide linking'   y GLYCINE         ? 'C2 H5 N O2'     75.067  
HIS 'L-peptide linking' y HISTIDINE       ? 'C6 H10 N3 O2 1' 156.162 
ILE 'L-peptide linking' y ISOLEUCINE      ? 'C6 H13 N O2'    131.173 
LEU 'L-peptide linking' y LEUCINE         ? 'C6 H13 N O2'    131.173 
LYS 'L-peptide linking' y LYSINE          ? 'C6 H15 N2 O2 1' 147.195 
PHE 'L-peptide linking' y PHENYLALANINE   ? 'C9 H11 N O2'    165.189 
PRO 'L-peptide linking' y PROLINE         ? 'C5 H9 N O2'     115.130 
SER 'L-peptide linking' y SERINE          ? 'C3 H7 N O3'     105.093 
THR 'L-peptide linking' y THREONINE       ? 'C4 H9 N O3'     119.119 
TYR 'L-peptide linking' y TYROSINE        ? 'C9 H11 N O3'    181.189 
# 
loop_
_pdbx_poly_seq_scheme.asym_id 
_pdbx_poly_seq_scheme.entity_id 
_pdbx_poly_seq_scheme.seq_id 
_pdbx_poly_seq_scheme.mon_id 
_pdbx_poly_seq_scheme.ndb_seq_num 
_pdbx_poly_seq_scheme.pdb_seq_num 
_pdbx_poly_seq_scheme.auth_seq_num 
_pdbx_poly_seq_scheme.pdb_mon_id 
_pdbx_poly_seq_scheme.auth_mon_id 
_pdbx_poly_seq_scheme.pdb_strand_id 
_pdbx_poly_seq_scheme.pdb_ins_code 
_pdbx_poly_seq_scheme.hetero 
A 1 1  THR 1  1  1  THR THR A . n 
A 1 2  ALA 2  2  2  ALA ALA A . n 
A 1 3  ASP 3  3  3  ASP ASP A . n 
A 1 4  ASN 4  4  4  ASN ASN A . n 
A 1 5  LYS 5  5  5  LYS LYS A . n 
A 1 6  PHE 6  6  6  PHE PHE A . n 
A 1 7  ASN 7  7  7  ASN ASN A . n 
A 1 8  LYS 8  8  8  LYS LYS A . n 
A 1 9  GLU 9  9  9  GLU GLU A . n 
A 1 10 GLN 10 10 10 GLN GLN A . n 
A 1 11 GLN 11 11 11 GLN GLN A . n 
A 1 12 ASN 12 12 12 ASN ASN A . n 
A 1 13 ALA 13 13 13 ALA ALA A . n 
A 1 14 PHE 14 14 14 PHE PHE A . n 
A 1 15 TYR 15 15 15 TYR TYR A . n 
A 1 16 GLU 16 16 16 GLU GLU A . n 
A 1 17 ILE 17 17 17 ILE ILE A . n 
A 1 18 LEU 18 18 18 LEU LEU A . n 
A 1 19 HIS 19 19 19 HIS HIS A . n 
A 1 20 LEU 20 20 20 LEU LEU A . n 
A 1 21 PRO 21 21 21 PRO PRO A . n 
A 1 22 ASN 22 22 22 ASN ASN A . n 
A 1 23 LEU 23 23 23 LEU LEU A . n 
A 1 24 ASN 24 24 24 ASN ASN A . n 
A 1 25 GLU 25 25 25 GLU GLU A . n 
A 1 26 GLU 26 26 26 GLU GLU A . n 
A 1 27 GLN 27 27 27 GLN GLN A . n 
A 1 28 ARG 28 28 28 ARG ARG A . n 
A 1 29 ASN 29 29 29 ASN ASN A . n 
A 1 30 GLY 30 30 30 GLY GLY A . n 
A 1 31 PHE 31 31 31 PHE PHE A . n 
A 1 32 ILE 32 32 32 ILE ILE A . n 
A 1 33 GLN 33 33 33 GLN GLN A . n 
A 1 34 SER 34 34 34 SER SER A . n 
A 1 35 LEU 35 35 35 LEU LEU A . n 
A 1 36 LYS 36 36 36 LYS LYS A . n 
A 1 37 ASP 37 37 37 ASP ASP A . n 
A 1 38 ASP 38 38 38 ASP ASP A . n 
A 1 39 PRO 39 39 39 PRO PRO A . n 
A 1 40 SER 40 40 40 SER SER A . n 
A 1 41 GLN 41 41 41 GLN GLN A . n 
A 1 42 SER 42 42 42 SER SER A . n 
A 1 43 ALA 43 43 43 ALA ALA A . n 
A 1 44 ASN 44 44 44 ASN ASN A . n 
A 1 45 LEU 45 45 45 LEU LEU A . n 
A 1 46 LEU 46 46 46 LEU LEU A . n 
A 1 47 ALA 47 47 47 ALA ALA A . n 
A 1 48 GLU 48 48 48 GLU GLU A . n 
A 1 49 ALA 49 49 49 ALA ALA A . n 
A 1 50 LYS 50 50 50 LYS LYS A . n 
A 1 51 LYS 51 51 51 LYS LYS A . n 
A 1 52 LEU 52 52 52 LEU LEU A . n 
A 1 53 ASN 53 53 53 ASN ASN A . n 
A 1 54 ASP 54 54 54 ASP ASP A . n 
A 1 55 ALA 55 55 55 ALA ALA A . n 
A 1 56 GLN 56 56 56 GLN GLN A . n 
A 1 57 ALA 57 57 57 ALA ALA A . n 
A 1 58 PRO 58 58 58 PRO PRO A . n 
A 1 59 LYS 59 59 59 LYS LYS A . n 
A 1 60 ALA 60 60 60 ALA ALA A . n 
# 
loop_
_software.name 
_software.classification 
_software.version 
_software.citation_id 
_software.pdbx_ordinal 
X-PLOR 'model building' . ? 1 
X-PLOR refinement       . ? 2 
X-PLOR phasing          . ? 3 
# 
_cell.entry_id           1BDD 
_cell.length_a           1.000 
_cell.length_b           1.000 
_cell.length_c           1.000 
_cell.angle_alpha        90.00 
_cell.angle_beta         90.00 
_cell.angle_gamma        90.00 
_cell.Z_PDB              1 
_cell.pdbx_unique_axis   ? 
# 
_symmetry.entry_id                         1BDD 
_symmetry.space_group_name_H-M             'P 1' 
_symmetry.pdbx_full_space_group_name_H-M   ? 
_symmetry.cell_setting                     ? 
_symmetry.Int_Tables_number                1 
# 
_exptl.entry_id          1BDD 
_exptl.method            'SOLUTION NMR' 
_exptl.crystals_number   ? 
# 
_struct.entry_id                  1BDD 
_struct.title                     
'STAPHYLOCOCCUS AUREUS PROTEIN A, IMMUNOGLOBULIN-BINDING B DOMAIN, NMR, MINIMIZED AVERAGE STRUCTURE' 
_struct.pdbx_model_details        ? 
_struct.pdbx_CASP_flag            ? 
_struct.pdbx_model_type_details   ? 
# 
_struct_keywords.entry_id        1BDD 
_struct_keywords.pdbx_keywords   'IMMUNOGLOBULIN-BINDING PROTEIN' 
_struct_keywords.text            'IMMUNOGLOBULIN-BINDING PROTEIN, TRANSMEMBRANE, CELL WALL, IMMUNOGLOBULIN BINDING DOMAIN' 
# 
_struct_asym.id                            A 
_struct_asym.pdbx_blank_PDB_chainid_flag   Y 
_struct_asym.pdbx_modified                 N 
_struct_asym.entity_id                     1 
_struct_asym.details                       ? 
# 
_struct_ref.id                         1 
_struct_ref.db_name                    UNP 
_struct_ref.db_code                    SPA2_STAAU 
_struct_ref.entity_id                  1 
_struct_ref.pdbx_db_accession          P38507 
_struct_ref.pdbx_align_begin           1 
_struct_ref.pdbx_seq_one_letter_code   
;MKKKNIYSIRKLGVGIASVTLGTLLISGGVTPAANAAQHDEAQQNAFYQVLNMPNLNADQRNGFIQSLKDDPSQSANVLG
EAQKLNDSQAPKADAQQNKFNKDQQSAFYEILNMPNLNEEQRNGFIQSLKDDPSQSTNVLGEAKKLNESQAPKADNNFNK
EQQNAFYEILNMPNLNEEQRNGFIQSLKDDPSQSANLLAEAKKLNESQAPKADNKFNKEQQNAFYEILHLPNLNEEQRNG
FIQSLKDDPSQSANLLAEAKKLNDAQAPKADNKFNKEQQNAFYEILHLPNLTEEQRNGFIQSLKDDPSVSKEILAEAKKL
NDAQAPKEEDNNKPGKEDGNKPGKEDGNKPGKEDNKKPGKEDGNKPGKEDNKKPGKEDGNKPGKEDGNKPGKEDGNKPGK
EDGNKPGKEDGNGVHVVKPGDTVNDIAKANGTTADKIAADNKLADKNMIKPGQELVVDKKQPANHADANKAQALPETGEE
NPFIGTTVFGGLSLALGAALLAGRRREL
;
_struct_ref.pdbx_db_isoform            ? 
# 
_struct_ref_seq.align_id                      1 
_struct_ref_seq.ref_id                        1 
_struct_ref_seq.pdbx_PDB_id_code              1BDD 
_struct_ref_seq.pdbx_strand_id                A 
_struct_ref_seq.seq_align_beg                 2 
_struct_ref_seq.pdbx_seq_align_beg_ins_code   ? 
_struct_ref_seq.seq_align_end                 60 
_struct_ref_seq.pdbx_seq_align_end_ins_code   ? 
_struct_ref_seq.pdbx_db_accession             P38507 
_struct_ref_seq.db_align_beg                  212 
_struct_ref_seq.pdbx_db_align_beg_ins_code    ? 
_struct_ref_seq.db_align_end                  270 
_struct_ref_seq.pdbx_db_align_end_ins_code    ? 
_struct_ref_seq.pdbx_auth_seq_align_beg       2 
_struct_ref_seq.pdbx_auth_seq_align_end       60 
# 
_pdbx_struct_assembly.id                   1 
_pdbx_struct_assembly.details              author_defined_assembly 
_pdbx_struct_assembly.method_details       ? 
_pdbx_struct_assembly.oligomeric_details   monomeric 
_pdbx_struct_assembly.oligomeric_count     1 
# 
_pdbx_struct_assembly_gen.assembly_id       1 
_pdbx_struct_assembly_gen.oper_expression   1 
_pdbx_struct_assembly_gen.asym_id_list      A 
# 
_pdbx_struct_oper_list.id                   1 
_pdbx_struct_oper_list.type                 'identity operation' 
_pdbx_struct_oper_list.name                 1_555 
_pdbx_struct_oper_list.symmetry_operation   x,y,z 
_pdbx_struct_oper_list.matrix[1][1]         1.0000000000 
_pdbx_struct_oper_list.matrix[1][2]         0.0000000000 
_pdbx_struct_oper_list.matrix[1][3]         0.0000000000 
_pdbx_struct_oper_list.vector[1]            0.0000000000 
_pdbx_struct_oper_list.matrix[2][1]         0.0000000000 
_pdbx_struct_oper_list.matrix[2][2]         1.0000000000 
_pdbx_struct_oper_list.matrix[2][3]         0.0000000000 
_pdbx_struct_oper_list.vector[2]            0.0000000000 
_pdbx_struct_oper_list.matrix[3][1]         0.0000000000 
_pdbx_struct_oper_list.matrix[3][2]         0.0000000000 
_pdbx_struct_oper_list.matrix[3][3]         1.0000000000 
_pdbx_struct_oper_list.vector[3]            0.0000000000 
# 
_struct_biol.id   1 
# 
loop_
_struct_conf.conf_type_id 
_struct_conf.id 
_struct_conf.pdbx_PDB_helix_id 
_struct_conf.beg_label_comp_id 
_struct_conf.beg_label_asym_id 
_struct_conf.beg_label_seq_id 
_struct_conf.pdbx_beg_PDB_ins_code 
_struct_conf.end_label_comp_id 
_struct_conf.end_label_asym_id 
_struct_conf.end_label_seq_id 
_struct_conf.pdbx_end_PDB_ins_code 
_struct_conf.beg_auth_comp_id 
_struct_conf.beg_auth_asym_id 
_struct_conf.beg_auth_seq_id 
_struct_conf.end_auth_comp_id 
_struct_conf.end_auth_asym_id 
_struct_conf.end_auth_seq_id 
_struct_conf.pdbx_PDB_helix_class 
_struct_conf.details 
_struct_conf.pdbx_PDB_helix_length 
HELX_P HELX_P1 1 GLN A 10 ? HIS A 19 ? GLN A 10 HIS A 19 1 ? 10 
HELX_P HELX_P2 2 GLU A 25 ? ASP A 37 ? GLU A 25 ASP A 37 1 ? 13 
HELX_P HELX_P3 3 SER A 42 ? ALA A 55 ? SER A 42 ALA A 55 1 ? 14 
# 
_struct_conf_type.id          HELX_P 
_struct_conf_type.criteria    ? 
_struct_conf_type.reference   ? 
# 
_pdbx_validate_rmsd_bond.id                        1 
_pdbx_validate_rmsd_bond.PDB_model_num             1 
_pdbx_validate_rmsd_bond.auth_atom_id_1            CG 
_pdbx_validate_rmsd_bond.auth_asym_id_1            A 
_pdbx_validate_rmsd_bond.auth_comp_id_1            HIS 
_pdbx_validate_rmsd_bond.auth_seq_id_1             19 
_pdbx_validate_rmsd_bond.PDB_ins_code_1            ? 
_pdbx_validate_rmsd_bond.label_alt_id_1            ? 
_pdbx_validate_rmsd_bond.auth_atom_id_2            ND1 
_pdbx_validate_rmsd_bond.auth_asym_id_2            A 
_pdbx_validate_rmsd_bond.auth_comp_id_2            HIS 
_pdbx_validate_rmsd_bond.auth_seq_id_2             19 
_pdbx_validate_rmsd_bond.PDB_ins_code_2            ? 
_pdbx_validate_rmsd_bond.label_alt_id_2            ? 
_pdbx_validate_rmsd_bond.bond_value                1.245 
_pdbx_validate_rmsd_bond.bond_target_value         1.369 
_pdbx_validate_rmsd_bond.bond_deviation            -0.124 
_pdbx_validate_rmsd_bond.bond_standard_deviation   0.015 
_pdbx_validate_rmsd_bond.linker_flag               N 
# 
loop_
_pdbx_validate_torsion.id 
_pdbx_validate_torsion.PDB_model_num 
_pdbx_validate_torsion.auth_comp_id 
_pdbx_validate_torsion.auth_asym_id 
_pdbx_validate_torsion.auth_seq_id 
_pdbx_validate_torsion.PDB_ins_code 
_pdbx_validate_torsion.label_alt_id 
_pdbx_validate_torsion.phi 
_pdbx_validate_torsion.psi 
1  1 ALA A 2  ? ? 45.88   -95.43 
2  1 LYS A 5  ? ? -168.03 53.48  
3  1 ASN A 7  ? ? -154.84 -38.46 
4  1 LYS A 8  ? ? -39.57  -26.20 
5  1 GLU A 9  ? ? 163.64  -25.61 
6  1 GLN A 11 ? ? -61.86  -73.10 
7  1 PHE A 14 ? ? -40.15  -70.69 
8  1 ILE A 17 ? ? -39.82  -26.45 
9  1 LEU A 18 ? ? -80.27  33.07  
10 1 HIS A 19 ? ? -145.90 -21.59 
11 1 LEU A 20 ? ? -37.66  94.12  
12 1 PRO A 39 ? ? -69.68  42.07  
13 1 ASP A 54 ? ? -39.84  -36.08 
14 1 LYS A 59 ? ? -83.08  45.80  
# 
loop_
_pdbx_validate_planes.id 
_pdbx_validate_planes.PDB_model_num 
_pdbx_validate_planes.auth_comp_id 
_pdbx_validate_planes.auth_asym_id 
_pdbx_validate_planes.auth_seq_id 
_pdbx_validate_planes.PDB_ins_code 
_pdbx_validate_planes.label_alt_id 
_pdbx_validate_planes.rmsd 
_pdbx_validate_planes.type 
1 1 ARG A 28 ? ? 0.190 'SIDE CHAIN' 
2 1 PHE A 31 ? ? 0.076 'SIDE CHAIN' 
# 
_pdbx_nmr_ensemble.entry_id                             1BDD 
_pdbx_nmr_ensemble.conformers_calculated_total_number   55 
_pdbx_nmr_ensemble.conformers_submitted_total_number    1 
_pdbx_nmr_ensemble.conformer_selection_criteria         
;AT FIRST, THE DEPOSITORS CARRIED OUT THE DISTANCE GEOMETRY CALCULATION BY STARTING FROM 55 INITIAL STRUCTURES. THIS CALCULATION RESULTED IN 41 SOLUTIONS, WHICH HAD CORRECT POLYPEPTIDE FOLDS EXCLUDING 14 MIRROR-IMAGE SUBSTRUCTURES. NEXT, THE DYNAMICAL SIMULATED ANNEALING CALCULATIONS WERE PERFORMED BY USING THESE 41 SUBSTRUCTURES. THE DISTANCE AND TORSION ANGLE VIOLATIONS OF THE 41 SOLUTIONS OBTAINED BY THE DYNAMICAL SIMULATED ANNEALING CALCULATIONS WERE SMALLER THAN 0.6 ANGSTROMS AND 27 DEGREES, RESPECTIVELY. THE DEPOSITORS SELECTED 10 SOLUTIONS THAT HAD THE DISTANCE AND TORSION ANGLE VIOLATIONS OF SMALLER THAN 0.5 ANGSTROMS AND 10 DEGREES, RESPECTIVELY.
;
# 
_pdbx_nmr_exptl_sample_conditions.conditions_id       1 
_pdbx_nmr_exptl_sample_conditions.temperature         303 
_pdbx_nmr_exptl_sample_conditions.pressure            ? 
_pdbx_nmr_exptl_sample_conditions.pH                  5.0 
_pdbx_nmr_exptl_sample_conditions.ionic_strength      ? 
_pdbx_nmr_exptl_sample_conditions.pressure_units      . 
_pdbx_nmr_exptl_sample_conditions.temperature_units   K 
# 
loop_
_pdbx_nmr_exptl.experiment_id 
_pdbx_nmr_exptl.conditions_id 
_pdbx_nmr_exptl.type 
_pdbx_nmr_exptl.solution_id 
1 1 DQF-COSY               1 
2 1 HOHAHA                 1 
3 1 NOESY                  1 
4 1 'PE-COSY; 1H-15N HSQC' 1 
5 1 DOUBLE-DEPT            1 
6 1 2D-HMQC-HOHAHA         1 
7 1 2D-HMQC-NOESY          1 
8 1 HMQC-J                 1 
# 
_pdbx_nmr_refine.entry_id           1BDD 
_pdbx_nmr_refine.method             'HYBRID DISTANCE GEOMETRY-DYNAMICAL SIMULATED ANNEALING METHOD' 
_pdbx_nmr_refine.details            ? 
_pdbx_nmr_refine.software_ordinal   1 
# 
loop_
_pdbx_nmr_software.classification 
_pdbx_nmr_software.name 
_pdbx_nmr_software.version 
_pdbx_nmr_software.authors 
_pdbx_nmr_software.ordinal 
refinement           X-PLOR ? BRUNGER 1 
'structure solution' EMBOSS ? ?       2 
'structure solution' X-PLOR ? ?       3 
# 
loop_
_chem_comp_atom.comp_id 
_chem_comp_atom.atom_id 
_chem_comp_atom.type_symbol 
_chem_comp_atom.pdbx_aromatic_flag 
_chem_comp_atom.pdbx_stereo_config 
_chem_comp_atom.pdbx_ordinal 
ALA N    N N N 1   
ALA CA   C N S 2   
ALA C    C N N 3   
ALA O    O N N 4   
ALA CB   C N N 5   
ALA OXT  O N N 6   
ALA H    H N N 7   
ALA H2   H N N 8   
ALA HA   H N N 9   
ALA HB1  H N N 10  
ALA HB2  H N N 11  
ALA HB3  H N N 12  
ALA HXT  H N N 13  
ARG N    N N N 14  
ARG CA   C N S 15  
ARG C    C N N 16  
ARG O    O N N 17  
ARG CB   C N N 18  
ARG CG   C N N 19  
ARG CD   C N N 20  
ARG NE   N N N 21  
ARG CZ   C N N 22  
ARG NH1  N N N 23  
ARG NH2  N N N 24  
ARG OXT  O N N 25  
ARG H    H N N 26  
ARG H2   H N N 27  
ARG HA   H N N 28  
ARG HB2  H N N 29  
ARG HB3  H N N 30  
ARG HG2  H N N 31  
ARG HG3  H N N 32  
ARG HD2  H N N 33  
ARG HD3  H N N 34  
ARG HE   H N N 35  
ARG HH11 H N N 36  
ARG HH12 H N N 37  
ARG HH21 H N N 38  
ARG HH22 H N N 39  
ARG HXT  H N N 40  
ASN N    N N N 41  
ASN CA   C N S 42  
ASN C    C N N 43  
ASN O    O N N 44  
ASN CB   C N N 45  
ASN CG   C N N 46  
ASN OD1  O N N 47  
ASN ND2  N N N 48  
ASN OXT  O N N 49  
ASN H    H N N 50  
ASN H2   H N N 51  
ASN HA   H N N 52  
ASN HB2  H N N 53  
ASN HB3  H N N 54  
ASN HD21 H N N 55  
ASN HD22 H N N 56  
ASN HXT  H N N 57  
ASP N    N N N 58  
ASP CA   C N S 59  
ASP C    C N N 60  
ASP O    O N N 61  
ASP CB   C N N 62  
ASP CG   C N N 63  
ASP OD1  O N N 64  
ASP OD2  O N N 65  
ASP OXT  O N N 66  
ASP H    H N N 67  
ASP H2   H N N 68  
ASP HA   H N N 69  
ASP HB2  H N N 70  
ASP HB3  H N N 71  
ASP HD2  H N N 72  
ASP HXT  H N N 73  
GLN N    N N N 74  
GLN CA   C N S 75  
GLN C    C N N 76  
GLN O    O N N 77  
GLN CB   C N N 78  
GLN CG   C N N 79  
GLN CD   C N N 80  
GLN OE1  O N N 81  
GLN NE2  N N N 82  
GLN OXT  O N N 83  
GLN H    H N N 84  
GLN H2   H N N 85  
GLN HA   H N N 86  
GLN HB2  H N N 87  
GLN HB3  H N N 88  
GLN HG2  H N N 89  
GLN HG3  H N N 90  
GLN HE21 H N N 91  
GLN HE22 H N N 92  
GLN HXT  H N N 93  
GLU N    N N N 94  
GLU CA   C N S 95  
GLU C    C N N 96  
GLU O    O N N 97  
GLU CB   C N N 98  
GLU CG   C N N 99  
GLU CD   C N N 100 
GLU OE1  O N N 101 
GLU OE2  O N N 102 
GLU OXT  O N N 103 
GLU H    H N N 104 
GLU H2   H N N 105 
GLU HA   H N N 106 
GLU HB2  H N N 107 
GLU HB3  H N N 108 
GLU HG2  H N N 109 
GLU HG3  H N N 110 
GLU HE2  H N N 111 
GLU HXT  H N N 112 
GLY N    N N N 113 
GLY CA   C N N 114 
GLY C    C N N 115 
GLY O    O N N 116 
GLY OXT  O N N 117 
GLY H    H N N 118 
GLY H2   H N N 119 
GLY HA2  H N N 120 
GLY HA3  H N N 121 
GLY HXT  H N N 122 
HIS N    N N N 123 
HIS CA   C N S 124 
HIS C    C N N 125 
HIS O    O N N 126 
HIS CB   C N N 127 
HIS CG   C Y N 128 
HIS ND1  N Y N 129 
HIS CD2  C Y N 130 
HIS CE1  C Y N 131 
HIS NE2  N Y N 132 
HIS OXT  O N N 133 
HIS H    H N N 134 
HIS H2   H N N 135 
HIS HA   H N N 136 
HIS HB2  H N N 137 
HIS HB3  H N N 138 
HIS HD1  H N N 139 
HIS HD2  H N N 140 
HIS HE1  H N N 141 
HIS HE2  H N N 142 
HIS HXT  H N N 143 
ILE N    N N N 144 
ILE CA   C N S 145 
ILE C    C N N 146 
ILE O    O N N 147 
ILE CB   C N S 148 
ILE CG1  C N N 149 
ILE CG2  C N N 150 
ILE CD1  C N N 151 
ILE OXT  O N N 152 
ILE H    H N N 153 
ILE H2   H N N 154 
ILE HA   H N N 155 
ILE HB   H N N 156 
ILE HG12 H N N 157 
ILE HG13 H N N 158 
ILE HG21 H N N 159 
ILE HG22 H N N 160 
ILE HG23 H N N 161 
ILE HD11 H N N 162 
ILE HD12 H N N 163 
ILE HD13 H N N 164 
ILE HXT  H N N 165 
LEU N    N N N 166 
LEU CA   C N S 167 
LEU C    C N N 168 
LEU O    O N N 169 
LEU CB   C N N 170 
LEU CG   C N N 171 
LEU CD1  C N N 172 
LEU CD2  C N N 173 
LEU OXT  O N N 174 
LEU H    H N N 175 
LEU H2   H N N 176 
LEU HA   H N N 177 
LEU HB2  H N N 178 
LEU HB3  H N N 179 
LEU HG   H N N 180 
LEU HD11 H N N 181 
LEU HD12 H N N 182 
LEU HD13 H N N 183 
LEU HD21 H N N 184 
LEU HD22 H N N 185 
LEU HD23 H N N 186 
LEU HXT  H N N 187 
LYS N    N N N 188 
LYS CA   C N S 189 
LYS C    C N N 190 
LYS O    O N N 191 
LYS CB   C N N 192 
LYS CG   C N N 193 
LYS CD   C N N 194 
LYS CE   C N N 195 
LYS NZ   N N N 196 
LYS OXT  O N N 197 
LYS H    H N N 198 
LYS H2   H N N 199 
LYS HA   H N N 200 
LYS HB2  H N N 201 
LYS HB3  H N N 202 
LYS HG2  H N N 203 
LYS HG3  H N N 204 
LYS HD2  H N N 205 
LYS HD3  H N N 206 
LYS HE2  H N N 207 
LYS HE3  H N N 208 
LYS HZ1  H N N 209 
LYS HZ2  H N N 210 
LYS HZ3  H N N 211 
LYS HXT  H N N 212 
PHE N    N N N 213 
PHE CA   C N S 214 
PHE C    C N N 215 
PHE O    O N N 216 
PHE CB   C N N 217 
PHE CG   C Y N 218 
PHE CD1  C Y N 219 
PHE CD2  C Y N 220 
PHE CE1  C Y N 221 
PHE CE2  C Y N 222 
PHE CZ   C Y N 223 
PHE OXT  O N N 224 
PHE H    H N N 225 
PHE H2   H N N 226 
PHE HA   H N N 227 
PHE HB2  H N N 228 
PHE HB3  H N N 229 
PHE HD1  H N N 230 
PHE HD2  H N N 231 
PHE HE1  H N N 232 
PHE HE2  H N N 233 
PHE HZ   H N N 234 
PHE HXT  H N N 235 
PRO N    N N N 236 
PRO CA   C N S 237 
PRO C    C N N 238 
PRO O    O N N 239 
PRO CB   C N N 240 
PRO CG   C N N 241 
PRO CD   C N N 242 
PRO OXT  O N N 243 
PRO H    H N N 244 
PRO HA   H N N 245 
PRO HB2  H N N 246 
PRO HB3  H N N 247 
PRO HG2  H N N 248 
PRO HG3  H N N 249 
PRO HD2  H N N 250 
PRO HD3  H N N 251 
PRO HXT  H N N 252 
SER N    N N N 253 
SER CA   C N S 254 
SER C    C N N 255 
SER O    O N N 256 
SER CB   C N N 257 
SER OG   O N N 258 
SER OXT  O N N 259 
SER H    H N N 260 
SER H2   H N N 261 
SER HA   H N N 262 
SER HB2  H N N 263 
SER HB3  H N N 264 
SER HG   H N N 265 
SER HXT  H N N 266 
THR N    N N N 267 
THR CA   C N S 268 
THR C    C N N 269 
THR O    O N N 270 
THR CB   C N R 271 
THR OG1  O N N 272 
THR CG2  C N N 273 
THR OXT  O N N 274 
THR H    H N N 275 
THR H2   H N N 276 
THR HA   H N N 277 
THR HB   H N N 278 
THR HG1  H N N 279 
THR HG21 H N N 280 
THR HG22 H N N 281 
THR HG23 H N N 282 
THR HXT  H N N 283 
TYR N    N N N 284 
TYR CA   C N S 285 
TYR C    C N N 286 
TYR O    O N N 287 
TYR CB   C N N 288 
TYR CG   C Y N 289 
TYR CD1  C Y N 290 
TYR CD2  C Y N 291 
TYR CE1  C Y N 292 
TYR CE2  C Y N 293 
TYR CZ   C Y N 294 
TYR OH   O N N 295 
TYR OXT  O N N 296 
TYR H    H N N 297 
TYR H2   H N N 298 
TYR HA   H N N 299 
TYR HB2  H N N 300 
TYR HB3  H N N 301 
TYR HD1  H N N 302 
TYR HD2  H N N 303 
TYR HE1  H N N 304 
TYR HE2  H N N 305 
TYR HH   H N N 306 
TYR HXT  H N N 307 
# 
loop_
_chem_comp_bond.comp_id 
_chem_comp_bond.atom_id_1 
_chem_comp_bond.atom_id_2 
_chem_comp_bond.value_order 
_chem_comp_bond.pdbx_aromatic_flag 
_chem_comp_bond.pdbx_stereo_config 
_chem_comp_bond.pdbx_ordinal 
ALA N   CA   sing N N 1   
ALA N   H    sing N N 2   
ALA N   H2   sing N N 3   
ALA CA  C    sing N N 4   
ALA CA  CB   sing N N 5   
ALA CA  HA   sing N N 6   
ALA C   O    doub N N 7   
ALA C   OXT  sing N N 8   
ALA CB  HB1  sing N N 9   
ALA CB  HB2  sing N N 10  
ALA CB  HB3  sing N N 11  
ALA OXT HXT  sing N N 12  
ARG N   CA   sing N N 13  
ARG N   H    sing N N 14  
ARG N   H2   sing N N 15  
ARG CA  C    sing N N 16  
ARG CA  CB   sing N N 17  
ARG CA  HA   sing N N 18  
ARG C   O    doub N N 19  
ARG C   OXT  sing N N 20  
ARG CB  CG   sing N N 21  
ARG CB  HB2  sing N N 22  
ARG CB  HB3  sing N N 23  
ARG CG  CD   sing N N 24  
ARG CG  HG2  sing N N 25  
ARG CG  HG3  sing N N 26  
ARG CD  NE   sing N N 27  
ARG CD  HD2  sing N N 28  
ARG CD  HD3  sing N N 29  
ARG NE  CZ   sing N N 30  
ARG NE  HE   sing N N 31  
ARG CZ  NH1  sing N N 32  
ARG CZ  NH2  doub N N 33  
ARG NH1 HH11 sing N N 34  
ARG NH1 HH12 sing N N 35  
ARG NH2 HH21 sing N N 36  
ARG NH2 HH22 sing N N 37  
ARG OXT HXT  sing N N 38  
ASN N   CA   sing N N 39  
ASN N   H    sing N N 40  
ASN N   H2   sing N N 41  
ASN CA  C    sing N N 42  
ASN CA  CB   sing N N 43  
ASN CA  HA   sing N N 44  
ASN C   O    doub N N 45  
ASN C   OXT  sing N N 46  
ASN CB  CG   sing N N 47  
ASN CB  HB2  sing N N 48  
ASN CB  HB3  sing N N 49  
ASN CG  OD1  doub N N 50  
ASN CG  ND2  sing N N 51  
ASN ND2 HD21 sing N N 52  
ASN ND2 HD22 sing N N 53  
ASN OXT HXT  sing N N 54  
ASP N   CA   sing N N 55  
ASP N   H    sing N N 56  
ASP N   H2   sing N N 57  
ASP CA  C    sing N N 58  
ASP CA  CB   sing N N 59  
ASP CA  HA   sing N N 60  
ASP C   O    doub N N 61  
ASP C   OXT  sing N N 62  
ASP CB  CG   sing N N 63  
ASP CB  HB2  sing N N 64  
ASP CB  HB3  sing N N 65  
ASP CG  OD1  doub N N 66  
ASP CG  OD2  sing N N 67  
ASP OD2 HD2  sing N N 68  
ASP OXT HXT  sing N N 69  
GLN N   CA   sing N N 70  
GLN N   H    sing N N 71  
GLN N   H2   sing N N 72  
GLN CA  C    sing N N 73  
GLN CA  CB   sing N N 74  
GLN CA  HA   sing N N 75  
GLN C   O    doub N N 76  
GLN C   OXT  sing N N 77  
GLN CB  CG   sing N N 78  
GLN CB  HB2  sing N N 79  
GLN CB  HB3  sing N N 80  
GLN CG  CD   sing N N 81  
GLN CG  HG2  sing N N 82  
GLN CG  HG3  sing N N 83  
GLN CD  OE1  doub N N 84  
GLN CD  NE2  sing N N 85  
GLN NE2 HE21 sing N N 86  
GLN NE2 HE22 sing N N 87  
GLN OXT HXT  sing N N 88  
GLU N   CA   sing N N 89  
GLU N   H    sing N N 90  
GLU N   H2   sing N N 91  
GLU CA  C    sing N N 92  
GLU CA  CB   sing N N 93  
GLU CA  HA   sing N N 94  
GLU C   O    doub N N 95  
GLU C   OXT  sing N N 96  
GLU CB  CG   sing N N 97  
GLU CB  HB2  sing N N 98  
GLU CB  HB3  sing N N 99  
GLU CG  CD   sing N N 100 
GLU CG  HG2  sing N N 101 
GLU CG  HG3  sing N N 102 
GLU CD  OE1  doub N N 103 
GLU CD  OE2  sing N N 104 
GLU OE2 HE2  sing N N 105 
GLU OXT HXT  sing N N 106 
GLY N   CA   sing N N 107 
GLY N   H    sing N N 108 
GLY N   H2   sing N N 109 
GLY CA  C    sing N N 110 
GLY CA  HA2  sing N N 111 
GLY CA  HA3  sing N N 112 
GLY C   O    doub N N 113 
GLY C   OXT  sing N N 114 
GLY OXT HXT  sing N N 115 
HIS N   CA   sing N N 116 
HIS N   H    sing N N 117 
HIS N   H2   sing N N 118 
HIS CA  C    sing N N 119 
HIS CA  CB   sing N N 120 
HIS CA  HA   sing N N 121 
HIS C   O    doub N N 122 
HIS C   OXT  sing N N 123 
HIS CB  CG   sing N N 124 
HIS CB  HB2  sing N N 125 
HIS CB  HB3  sing N N 126 
HIS CG  ND1  sing Y N 127 
HIS CG  CD2  doub Y N 128 
HIS ND1 CE1  doub Y N 129 
HIS ND1 HD1  sing N N 130 
HIS CD2 NE2  sing Y N 131 
HIS CD2 HD2  sing N N 132 
HIS CE1 NE2  sing Y N 133 
HIS CE1 HE1  sing N N 134 
HIS NE2 HE2  sing N N 135 
HIS OXT HXT  sing N N 136 
ILE N   CA   sing N N 137 
ILE N   H    sing N N 138 
ILE N   H2   sing N N 139 
ILE CA  C    sing N N 140 
ILE CA  CB   sing N N 141 
ILE CA  HA   sing N N 142 
ILE C   O    doub N N 143 
ILE C   OXT  sing N N 144 
ILE CB  CG1  sing N N 145 
ILE CB  CG2  sing N N 146 
ILE CB  HB   sing N N 147 
ILE CG1 CD1  sing N N 148 
ILE CG1 HG12 sing N N 149 
ILE CG1 HG13 sing N N 150 
ILE CG2 HG21 sing N N 151 
ILE CG2 HG22 sing N N 152 
ILE CG2 HG23 sing N N 153 
ILE CD1 HD11 sing N N 154 
ILE CD1 HD12 sing N N 155 
ILE CD1 HD13 sing N N 156 
ILE OXT HXT  sing N N 157 
LEU N   CA   sing N N 158 
LEU N   H    sing N N 159 
LEU N   H2   sing N N 160 
LEU CA  C    sing N N 161 
LEU CA  CB   sing N N 162 
LEU CA  HA   sing N N 163 
LEU C   O    doub N N 164 
LEU C   OXT  sing N N 165 
LEU CB  CG   sing N N 166 
LEU CB  HB2  sing N N 167 
LEU CB  HB3  sing N N 168 
LEU CG  CD1  sing N N 169 
LEU CG  CD2  sing N N 170 
LEU CG  HG   sing N N 171 
LEU CD1 HD11 sing N N 172 
LEU CD1 HD12 sing N N 173 
LEU CD1 HD13 sing N N 174 
LEU CD2 HD21 sing N N 175 
LEU CD2 HD22 sing N N 176 
LEU CD2 HD23 sing N N 177 
LEU OXT HXT  sing N N 178 
LYS N   CA   sing N N 179 
LYS N   H    sing N N 180 
LYS N   H2   sing N N 181 
LYS CA  C    sing N N 182 
LYS CA  CB   sing N N 183 
LYS CA  HA   sing N N 184 
LYS C   O    doub N N 185 
LYS C   OXT  sing N N 186 
LYS CB  CG   sing N N 187 
LYS CB  HB2  sing N N 188 
LYS CB  HB3  sing N N 189 
LYS CG  CD   sing N N 190 
LYS CG  HG2  sing N N 191 
LYS CG  HG3  sing N N 192 
LYS CD  CE   sing N N 193 
LYS CD  HD2  sing N N 194 
LYS CD  HD3  sing N N 195 
LYS CE  NZ   sing N N 196 
LYS CE  HE2  sing N N 197 
LYS CE  HE3  sing N N 198 
LYS NZ  HZ1  sing N N 199 
LYS NZ  HZ2  sing N N 200 
LYS NZ  HZ3  sing N N 201 
LYS OXT HXT  sing N N 202 
PHE N   CA   sing N N 203 
PHE N   H    sing N N 204 
PHE N   H2   sing N N 205 
PHE CA  C    sing N N 206 
PHE CA  CB   sing N N 207 
PHE CA  HA   sing N N 208 
PHE C   O    doub N N 209 
PHE C   OXT  sing N N 210 
PHE CB  CG   sing N N 211 
PHE CB  HB2  sing N N 212 
PHE CB  HB3  sing N N 213 
PHE CG  CD1  doub Y N 214 
PHE CG  CD2  sing Y N 215 
PHE CD1 CE1  sing Y N 216 
PHE CD1 HD1  sing N N 217 
PHE CD2 CE2  doub Y N 218 
PHE CD2 HD2  sing N N 219 
PHE CE1 CZ   doub Y N 220 
PHE CE1 HE1  sing N N 221 
PHE CE2 CZ   sing Y N 222 
PHE CE2 HE2  sing N N 223 
PHE CZ  HZ   sing N N 224 
PHE OXT HXT  sing N N 225 
PRO N   CA   sing N N 226 
PRO N   CD   sing N N 227 
PRO N   H    sing N N 228 
PRO CA  C    sing N N 229 
PRO CA  CB   sing N N 230 
PRO CA  HA   sing N N 231 
PRO C   O    doub N N 232 
PRO C   OXT  sing N N 233 
PRO CB  CG   sing N N 234 
PRO CB  HB2  sing N N 235 
PRO CB  HB3  sing N N 236 
PRO CG  CD   sing N N 237 
PRO CG  HG2  sing N N 238 
PRO CG  HG3  sing N N 239 
PRO CD  HD2  sing N N 240 
PRO CD  HD3  sing N N 241 
PRO OXT HXT  sing N N 242 
SER N   CA   sing N N 243 
SER N   H    sing N N 244 
SER N   H2   sing N N 245 
SER CA  C    sing N N 246 
SER CA  CB   sing N N 247 
SER CA  HA   sing N N 248 
SER C   O    doub N N 249 
SER C   OXT  sing N N 250 
SER CB  OG   sing N N 251 
SER CB  HB2  sing N N 252 
SER CB  HB3  sing N N 253 
SER OG  HG   sing N N 254 
SER OXT HXT  sing N N 255 
THR N   CA   sing N N 256 
THR N   H    sing N N 257 
THR N   H2   sing N N 258 
THR CA  C    sing N N 259 
THR CA  CB   sing N N 260 
THR CA  HA   sing N N 261 
THR C   O    doub N N 262 
THR C   OXT  sing N N 263 
THR CB  OG1  sing N N 264 
THR CB  CG2  sing N N 265 
THR CB  HB   sing N N 266 
THR OG1 HG1  sing N N 267 
THR CG2 HG21 sing N N 268 
THR CG2 HG22 sing N N 269 
THR CG2 HG23 sing N N 270 
THR OXT HXT  sing N N 271 
TYR N   CA   sing N N 272 
TYR N   H    sing N N 273 
TYR N   H2   sing N N 274 
TYR CA  C    sing N N 275 
TYR CA  CB   sing N N 276 
TYR CA  HA   sing N N 277 
TYR C   O    doub N N 278 
TYR C   OXT  sing N N 279 
TYR CB  CG   sing N N 280 
TYR CB  HB2  sing N N 281 
TYR CB  HB3  sing N N 282 
TYR CG  CD1  doub Y N 283 
TYR CG  CD2  sing Y N 284 
TYR CD1 CE1  sing Y N 285 
TYR CD1 HD1  sing N N 286 
TYR CD2 CE2  doub Y N 287 
TYR CD2 HD2  sing N N 288 
TYR CE1 CZ   doub Y N 289 
TYR CE1 HE1  sing N N 290 
TYR CE2 CZ   sing Y N 291 
TYR CE2 HE2  sing N N 292 
TYR CZ  OH   sing N N 293 
TYR OH  HH   sing N N 294 
TYR OXT HXT  sing N N 295 
# 
_pdbx_nmr_spectrometer.spectrometer_id   1 
_pdbx_nmr_spectrometer.model             JNM-GSX 
_pdbx_nmr_spectrometer.manufacturer      JEOL 
_pdbx_nmr_spectrometer.field_strength    500 
# 
_atom_sites.entry_id                    1BDD 
_atom_sites.fract_transf_matrix[1][1]   1.000000 
_atom_sites.fract_transf_matrix[1][2]   0.000000 
_atom_sites.fract_transf_matrix[1][3]   0.000000 
_atom_sites.fract_transf_matrix[2][1]   0.000000 
_atom_sites.fract_transf_matrix[2][2]   1.000000 
_atom_sites.fract_transf_matrix[2][3]   0.000000 
_atom_sites.fract_transf_matrix[3][1]   0.000000 
_atom_sites.fract_transf_matrix[3][2]   0.000000 
_atom_sites.fract_transf_matrix[3][3]   1.000000 
_atom_sites.fract_transf_vector[1]      0.00000 
_atom_sites.fract_transf_vector[2]      0.00000 
_atom_sites.fract_transf_vector[3]      0.00000 
# 
loop_
_atom_type.symbol 
C 
H 
N 
O 
# 
loop_
_atom_site.group_PDB 
_atom_site.id 
_atom_site.type_symbol 
_atom_site.label_atom_id 
_atom_site.label_alt_id 
_atom_site.label_comp_id 
_atom_site.label_asym_id 
_atom_site.label_entity_id 
_atom_site.label_seq_id 
_atom_site.pdbx_PDB_ins_code 
_atom_site.Cartn_x 
_atom_site.Cartn_y 
_atom_site.Cartn_z 
_atom_site.occupancy 
_atom_site.B_iso_or_equiv 
_atom_site.pdbx_formal_charge 
_atom_site.auth_seq_id 
_atom_site.auth_comp_id 
_atom_site.auth_asym_id 
_atom_site.auth_atom_id 
_atom_site.pdbx_PDB_model_num 
ATOM 1   N N    . THR A 1 1  ? 17.851  16.758  -7.304  1.00 1.00 ? 1  THR A N    1 
ATOM 2   C CA   . THR A 1 1  ? 17.935  15.636  -6.337  1.00 1.00 ? 1  THR A CA   1 
ATOM 3   C C    . THR A 1 1  ? 17.403  14.352  -6.972  1.00 1.00 ? 1  THR A C    1 
ATOM 4   O O    . THR A 1 1  ? 17.875  13.273  -6.679  1.00 1.00 ? 1  THR A O    1 
ATOM 5   C CB   . THR A 1 1  ? 17.091  15.958  -5.097  1.00 1.00 ? 1  THR A CB   1 
ATOM 6   O OG1  . THR A 1 1  ? 17.242  14.845  -4.239  1.00 1.00 ? 1  THR A OG1  1 
ATOM 7   C CG2  . THR A 1 1  ? 15.597  15.982  -5.444  1.00 1.00 ? 1  THR A CG2  1 
ATOM 8   H H1   . THR A 1 1  ? 16.870  16.855  -7.637  1.00 0.00 ? 1  THR A H1   1 
ATOM 9   H H2   . THR A 1 1  ? 18.150  17.639  -6.840  1.00 0.00 ? 1  THR A H2   1 
ATOM 10  H H3   . THR A 1 1  ? 18.474  16.564  -8.115  1.00 0.00 ? 1  THR A H3   1 
ATOM 11  H HA   . THR A 1 1  ? 18.978  15.485  -6.066  1.00 0.00 ? 1  THR A HA   1 
ATOM 12  H HB   . THR A 1 1  ? 17.424  16.870  -4.609  1.00 0.00 ? 1  THR A HB   1 
ATOM 13  H HG1  . THR A 1 1  ? 17.733  15.131  -3.465  1.00 0.00 ? 1  THR A HG1  1 
ATOM 14  H HG21 . THR A 1 1  ? 15.466  16.307  -6.465  1.00 0.00 ? 1  THR A HG21 1 
ATOM 15  H HG22 . THR A 1 1  ? 15.181  14.992  -5.329  1.00 0.00 ? 1  THR A HG22 1 
ATOM 16  H HG23 . THR A 1 1  ? 15.080  16.663  -4.785  1.00 0.00 ? 1  THR A HG23 1 
ATOM 17  N N    . ALA A 1 2  ? 16.428  14.495  -7.830  1.00 1.00 ? 2  ALA A N    1 
ATOM 18  C CA   . ALA A 1 2  ? 15.856  13.293  -8.491  1.00 1.00 ? 2  ALA A CA   1 
ATOM 19  C C    . ALA A 1 2  ? 15.602  12.186  -7.476  1.00 1.00 ? 2  ALA A C    1 
ATOM 20  O O    . ALA A 1 2  ? 14.574  12.158  -6.828  1.00 1.00 ? 2  ALA A O    1 
ATOM 21  C CB   . ALA A 1 2  ? 16.867  12.784  -9.530  1.00 1.00 ? 2  ALA A CB   1 
ATOM 22  H H    . ALA A 1 2  ? 16.076  15.385  -8.035  1.00 0.00 ? 2  ALA A H    1 
ATOM 23  H HA   . ALA A 1 2  ? 14.914  13.563  -8.966  1.00 0.00 ? 2  ALA A HA   1 
ATOM 24  H HB1  . ALA A 1 2  ? 17.871  12.891  -9.145  1.00 0.00 ? 2  ALA A HB1  1 
ATOM 25  H HB2  . ALA A 1 2  ? 16.678  11.744  -9.746  1.00 0.00 ? 2  ALA A HB2  1 
ATOM 26  H HB3  . ALA A 1 2  ? 16.774  13.358  -10.441 1.00 0.00 ? 2  ALA A HB3  1 
ATOM 27  N N    . ASP A 1 3  ? 16.545  11.291  -7.355  1.00 1.00 ? 3  ASP A N    1 
ATOM 28  C CA   . ASP A 1 3  ? 16.375  10.182  -6.386  1.00 1.00 ? 3  ASP A CA   1 
ATOM 29  C C    . ASP A 1 3  ? 15.085  9.403   -6.669  1.00 1.00 ? 3  ASP A C    1 
ATOM 30  O O    . ASP A 1 3  ? 14.210  9.317   -5.829  1.00 1.00 ? 3  ASP A O    1 
ATOM 31  C CB   . ASP A 1 3  ? 16.303  10.800  -4.975  1.00 1.00 ? 3  ASP A CB   1 
ATOM 32  C CG   . ASP A 1 3  ? 16.859  9.806   -3.955  1.00 1.00 ? 3  ASP A CG   1 
ATOM 33  O OD1  . ASP A 1 3  ? 17.997  9.410   -4.151  1.00 1.00 ? 3  ASP A OD1  1 
ATOM 34  O OD2  . ASP A 1 3  ? 16.118  9.501   -3.036  1.00 1.00 ? 3  ASP A OD2  1 
ATOM 35  H H    . ASP A 1 3  ? 17.357  11.350  -7.902  1.00 0.00 ? 3  ASP A H    1 
ATOM 36  H HA   . ASP A 1 3  ? 17.223  9.507   -6.470  1.00 0.00 ? 3  ASP A HA   1 
ATOM 37  H HB2  . ASP A 1 3  ? 16.894  11.704  -4.945  1.00 0.00 ? 3  ASP A HB2  1 
ATOM 38  H HB3  . ASP A 1 3  ? 15.282  11.037  -4.725  1.00 0.00 ? 3  ASP A HB3  1 
ATOM 39  N N    . ASN A 1 4  ? 15.005  8.839   -7.850  1.00 1.00 ? 4  ASN A N    1 
ATOM 40  C CA   . ASN A 1 4  ? 13.787  8.061   -8.224  1.00 1.00 ? 4  ASN A CA   1 
ATOM 41  C C    . ASN A 1 4  ? 14.122  6.586   -8.426  1.00 1.00 ? 4  ASN A C    1 
ATOM 42  O O    . ASN A 1 4  ? 15.122  6.250   -9.026  1.00 1.00 ? 4  ASN A O    1 
ATOM 43  C CB   . ASN A 1 4  ? 13.250  8.628   -9.548  1.00 1.00 ? 4  ASN A CB   1 
ATOM 44  C CG   . ASN A 1 4  ? 11.967  7.891   -9.939  1.00 1.00 ? 4  ASN A CG   1 
ATOM 45  O OD1  . ASN A 1 4  ? 11.490  8.001   -11.051 1.00 1.00 ? 4  ASN A OD1  1 
ATOM 46  N ND2  . ASN A 1 4  ? 11.378  7.131   -9.056  1.00 1.00 ? 4  ASN A ND2  1 
ATOM 47  H H    . ASN A 1 4  ? 15.745  8.927   -8.487  1.00 0.00 ? 4  ASN A H    1 
ATOM 48  H HA   . ASN A 1 4  ? 13.043  8.149   -7.437  1.00 0.00 ? 4  ASN A HA   1 
ATOM 49  H HB2  . ASN A 1 4  ? 13.036  9.680   -9.433  1.00 0.00 ? 4  ASN A HB2  1 
ATOM 50  H HB3  . ASN A 1 4  ? 13.987  8.497   -10.326 1.00 0.00 ? 4  ASN A HB3  1 
ATOM 51  H HD21 . ASN A 1 4  ? 11.757  7.038   -8.157  1.00 0.00 ? 4  ASN A HD21 1 
ATOM 52  H HD22 . ASN A 1 4  ? 10.555  6.653   -9.292  1.00 0.00 ? 4  ASN A HD22 1 
ATOM 53  N N    . LYS A 1 5  ? 13.274  5.731   -7.918  1.00 1.00 ? 5  LYS A N    1 
ATOM 54  C CA   . LYS A 1 5  ? 13.528  4.277   -8.073  1.00 1.00 ? 5  LYS A CA   1 
ATOM 55  C C    . LYS A 1 5  ? 12.303  3.466   -7.682  1.00 1.00 ? 5  LYS A C    1 
ATOM 56  O O    . LYS A 1 5  ? 12.386  2.571   -6.862  1.00 1.00 ? 5  LYS A O    1 
ATOM 57  C CB   . LYS A 1 5  ? 14.699  3.887   -7.157  1.00 1.00 ? 5  LYS A CB   1 
ATOM 58  C CG   . LYS A 1 5  ? 15.110  2.438   -7.450  1.00 1.00 ? 5  LYS A CG   1 
ATOM 59  C CD   . LYS A 1 5  ? 16.490  2.421   -8.115  1.00 1.00 ? 5  LYS A CD   1 
ATOM 60  C CE   . LYS A 1 5  ? 16.740  1.033   -8.704  1.00 1.00 ? 5  LYS A CE   1 
ATOM 61  N NZ   . LYS A 1 5  ? 16.393  -0.021  -7.711  1.00 1.00 ? 5  LYS A NZ   1 
ATOM 62  H H    . LYS A 1 5  ? 12.479  6.045   -7.441  1.00 0.00 ? 5  LYS A H    1 
ATOM 63  H HA   . LYS A 1 5  ? 13.762  4.071   -9.113  1.00 0.00 ? 5  LYS A HA   1 
ATOM 64  H HB2  . LYS A 1 5  ? 15.534  4.548   -7.334  1.00 0.00 ? 5  LYS A HB2  1 
ATOM 65  H HB3  . LYS A 1 5  ? 14.394  3.974   -6.124  1.00 0.00 ? 5  LYS A HB3  1 
ATOM 66  H HG2  . LYS A 1 5  ? 15.147  1.879   -6.524  1.00 0.00 ? 5  LYS A HG2  1 
ATOM 67  H HG3  . LYS A 1 5  ? 14.388  1.980   -8.109  1.00 0.00 ? 5  LYS A HG3  1 
ATOM 68  H HD2  . LYS A 1 5  ? 16.529  3.159   -8.902  1.00 0.00 ? 5  LYS A HD2  1 
ATOM 69  H HD3  . LYS A 1 5  ? 17.251  2.646   -7.379  1.00 0.00 ? 5  LYS A HD3  1 
ATOM 70  H HE2  . LYS A 1 5  ? 16.134  0.900   -9.587  1.00 0.00 ? 5  LYS A HE2  1 
ATOM 71  H HE3  . LYS A 1 5  ? 17.782  0.935   -8.974  1.00 0.00 ? 5  LYS A HE3  1 
ATOM 72  H HZ1  . LYS A 1 5  ? 15.499  0.226   -7.243  1.00 0.00 ? 5  LYS A HZ1  1 
ATOM 73  H HZ2  . LYS A 1 5  ? 16.290  -0.934  -8.196  1.00 0.00 ? 5  LYS A HZ2  1 
ATOM 74  H HZ3  . LYS A 1 5  ? 17.149  -0.089  -7.000  1.00 0.00 ? 5  LYS A HZ3  1 
ATOM 75  N N    . PHE A 1 6  ? 11.191  3.796   -8.281  1.00 1.00 ? 6  PHE A N    1 
ATOM 76  C CA   . PHE A 1 6  ? 9.929   3.063   -7.969  1.00 1.00 ? 6  PHE A CA   1 
ATOM 77  C C    . PHE A 1 6  ? 9.493   2.222   -9.161  1.00 1.00 ? 6  PHE A C    1 
ATOM 78  O O    . PHE A 1 6  ? 8.943   2.727   -10.118 1.00 1.00 ? 6  PHE A O    1 
ATOM 79  C CB   . PHE A 1 6  ? 8.821   4.087   -7.651  1.00 1.00 ? 6  PHE A CB   1 
ATOM 80  C CG   . PHE A 1 6  ? 8.684   4.257   -6.128  1.00 1.00 ? 6  PHE A CG   1 
ATOM 81  C CD1  . PHE A 1 6  ? 9.797   4.210   -5.296  1.00 1.00 ? 6  PHE A CD1  1 
ATOM 82  C CD2  . PHE A 1 6  ? 7.435   4.419   -5.558  1.00 1.00 ? 6  PHE A CD2  1 
ATOM 83  C CE1  . PHE A 1 6  ? 9.652   4.312   -3.929  1.00 1.00 ? 6  PHE A CE1  1 
ATOM 84  C CE2  . PHE A 1 6  ? 7.297   4.523   -4.190  1.00 1.00 ? 6  PHE A CE2  1 
ATOM 85  C CZ   . PHE A 1 6  ? 8.404   4.468   -3.379  1.00 1.00 ? 6  PHE A CZ   1 
ATOM 86  H H    . PHE A 1 6  ? 11.191  4.519   -8.941  1.00 0.00 ? 6  PHE A H    1 
ATOM 87  H HA   . PHE A 1 6  ? 10.096  2.399   -7.125  1.00 0.00 ? 6  PHE A HA   1 
ATOM 88  H HB2  . PHE A 1 6  ? 9.052   5.033   -8.106  1.00 0.00 ? 6  PHE A HB2  1 
ATOM 89  H HB3  . PHE A 1 6  ? 7.885   3.734   -8.043  1.00 0.00 ? 6  PHE A HB3  1 
ATOM 90  H HD1  . PHE A 1 6  ? 10.778  4.106   -5.716  1.00 0.00 ? 6  PHE A HD1  1 
ATOM 91  H HD2  . PHE A 1 6  ? 6.560   4.462   -6.189  1.00 0.00 ? 6  PHE A HD2  1 
ATOM 92  H HE1  . PHE A 1 6  ? 10.521  4.267   -3.291  1.00 0.00 ? 6  PHE A HE1  1 
ATOM 93  H HE2  . PHE A 1 6  ? 6.317   4.655   -3.756  1.00 0.00 ? 6  PHE A HE2  1 
ATOM 94  H HZ   . PHE A 1 6  ? 8.289   4.515   -2.308  1.00 0.00 ? 6  PHE A HZ   1 
ATOM 95  N N    . ASN A 1 7  ? 9.753   0.953   -9.073  1.00 1.00 ? 7  ASN A N    1 
ATOM 96  C CA   . ASN A 1 7  ? 9.373   0.039   -10.177 1.00 1.00 ? 7  ASN A CA   1 
ATOM 97  C C    . ASN A 1 7  ? 9.194   -1.367  -9.642  1.00 1.00 ? 7  ASN A C    1 
ATOM 98  O O    . ASN A 1 7  ? 8.316   -2.093  -10.061 1.00 1.00 ? 7  ASN A O    1 
ATOM 99  C CB   . ASN A 1 7  ? 10.507  0.027   -11.208 1.00 1.00 ? 7  ASN A CB   1 
ATOM 100 C CG   . ASN A 1 7  ? 11.789  0.544   -10.558 1.00 1.00 ? 7  ASN A CG   1 
ATOM 101 O OD1  . ASN A 1 7  ? 12.688  -0.211  -10.241 1.00 1.00 ? 7  ASN A OD1  1 
ATOM 102 N ND2  . ASN A 1 7  ? 11.920  1.826   -10.344 1.00 1.00 ? 7  ASN A ND2  1 
ATOM 103 H H    . ASN A 1 7  ? 10.201  0.598   -8.277  1.00 0.00 ? 7  ASN A H    1 
ATOM 104 H HA   . ASN A 1 7  ? 8.441   0.379   -10.620 1.00 0.00 ? 7  ASN A HA   1 
ATOM 105 H HB2  . ASN A 1 7  ? 10.669  -0.983  -11.548 1.00 0.00 ? 7  ASN A HB2  1 
ATOM 106 H HB3  . ASN A 1 7  ? 10.249  0.653   -12.049 1.00 0.00 ? 7  ASN A HB3  1 
ATOM 107 H HD21 . ASN A 1 7  ? 11.201  2.441   -10.600 1.00 0.00 ? 7  ASN A HD21 1 
ATOM 108 H HD22 . ASN A 1 7  ? 12.737  2.174   -9.930  1.00 0.00 ? 7  ASN A HD22 1 
ATOM 109 N N    . LYS A 1 8  ? 10.050  -1.722  -8.727  1.00 1.00 ? 8  LYS A N    1 
ATOM 110 C CA   . LYS A 1 8  ? 9.977   -3.074  -8.122  1.00 1.00 ? 8  LYS A CA   1 
ATOM 111 C C    . LYS A 1 8  ? 8.526   -3.490  -7.886  1.00 1.00 ? 8  LYS A C    1 
ATOM 112 O O    . LYS A 1 8  ? 8.220   -4.663  -7.854  1.00 1.00 ? 8  LYS A O    1 
ATOM 113 C CB   . LYS A 1 8  ? 10.762  -3.026  -6.776  1.00 1.00 ? 8  LYS A CB   1 
ATOM 114 C CG   . LYS A 1 8  ? 9.842   -3.322  -5.566  1.00 1.00 ? 8  LYS A CG   1 
ATOM 115 C CD   . LYS A 1 8  ? 10.666  -3.220  -4.267  1.00 1.00 ? 8  LYS A CD   1 
ATOM 116 C CE   . LYS A 1 8  ? 11.340  -4.570  -3.984  1.00 1.00 ? 8  LYS A CE   1 
ATOM 117 N NZ   . LYS A 1 8  ? 12.652  -4.367  -3.306  1.00 1.00 ? 8  LYS A NZ   1 
ATOM 118 H H    . LYS A 1 8  ? 10.752  -1.100  -8.454  1.00 0.00 ? 8  LYS A H    1 
ATOM 119 H HA   . LYS A 1 8  ? 10.437  -3.787  -8.805  1.00 0.00 ? 8  LYS A HA   1 
ATOM 120 H HB2  . LYS A 1 8  ? 11.558  -3.755  -6.807  1.00 0.00 ? 8  LYS A HB2  1 
ATOM 121 H HB3  . LYS A 1 8  ? 11.199  -2.047  -6.659  1.00 0.00 ? 8  LYS A HB3  1 
ATOM 122 H HG2  . LYS A 1 8  ? 9.035   -2.604  -5.531  1.00 0.00 ? 8  LYS A HG2  1 
ATOM 123 H HG3  . LYS A 1 8  ? 9.430   -4.319  -5.649  1.00 0.00 ? 8  LYS A HG3  1 
ATOM 124 H HD2  . LYS A 1 8  ? 11.419  -2.454  -4.370  1.00 0.00 ? 8  LYS A HD2  1 
ATOM 125 H HD3  . LYS A 1 8  ? 10.017  -2.963  -3.442  1.00 0.00 ? 8  LYS A HD3  1 
ATOM 126 H HE2  . LYS A 1 8  ? 10.703  -5.164  -3.347  1.00 0.00 ? 8  LYS A HE2  1 
ATOM 127 H HE3  . LYS A 1 8  ? 11.501  -5.099  -4.910  1.00 0.00 ? 8  LYS A HE3  1 
ATOM 128 H HZ1  . LYS A 1 8  ? 12.517  -3.789  -2.451  1.00 0.00 ? 8  LYS A HZ1  1 
ATOM 129 H HZ2  . LYS A 1 8  ? 13.052  -5.289  -3.040  1.00 0.00 ? 8  LYS A HZ2  1 
ATOM 130 H HZ3  . LYS A 1 8  ? 13.305  -3.880  -3.954  1.00 0.00 ? 8  LYS A HZ3  1 
ATOM 131 N N    . GLU A 1 9  ? 7.659   -2.516  -7.722  1.00 1.00 ? 9  GLU A N    1 
ATOM 132 C CA   . GLU A 1 9  ? 6.212   -2.836  -7.488  1.00 1.00 ? 9  GLU A CA   1 
ATOM 133 C C    . GLU A 1 9  ? 5.467   -1.621  -6.931  1.00 1.00 ? 9  GLU A C    1 
ATOM 134 O O    . GLU A 1 9  ? 4.281   -1.495  -7.103  1.00 1.00 ? 9  GLU A O    1 
ATOM 135 C CB   . GLU A 1 9  ? 6.105   -3.974  -6.433  1.00 1.00 ? 9  GLU A CB   1 
ATOM 136 C CG   . GLU A 1 9  ? 5.807   -5.337  -7.101  1.00 1.00 ? 9  GLU A CG   1 
ATOM 137 C CD   . GLU A 1 9  ? 4.334   -5.687  -6.884  1.00 1.00 ? 9  GLU A CD   1 
ATOM 138 O OE1  . GLU A 1 9  ? 3.955   -5.731  -5.726  1.00 1.00 ? 9  GLU A OE1  1 
ATOM 139 O OE2  . GLU A 1 9  ? 3.672   -5.886  -7.889  1.00 1.00 ? 9  GLU A OE2  1 
ATOM 140 H H    . GLU A 1 9  ? 7.957   -1.582  -7.754  1.00 0.00 ? 9  GLU A H    1 
ATOM 141 H HA   . GLU A 1 9  ? 5.752   -3.118  -8.430  1.00 0.00 ? 9  GLU A HA   1 
ATOM 142 H HB2  . GLU A 1 9  ? 7.028   -4.042  -5.877  1.00 0.00 ? 9  GLU A HB2  1 
ATOM 143 H HB3  . GLU A 1 9  ? 5.305   -3.738  -5.745  1.00 0.00 ? 9  GLU A HB3  1 
ATOM 144 H HG2  . GLU A 1 9  ? 6.013   -5.303  -8.160  1.00 0.00 ? 9  GLU A HG2  1 
ATOM 145 H HG3  . GLU A 1 9  ? 6.420   -6.104  -6.647  1.00 0.00 ? 9  GLU A HG3  1 
ATOM 146 N N    . GLN A 1 10 ? 6.185   -0.755  -6.282  1.00 1.00 ? 10 GLN A N    1 
ATOM 147 C CA   . GLN A 1 10 ? 5.538   0.456   -5.696  1.00 1.00 ? 10 GLN A CA   1 
ATOM 148 C C    . GLN A 1 10 ? 4.589   1.161   -6.668  1.00 1.00 ? 10 GLN A C    1 
ATOM 149 O O    . GLN A 1 10 ? 3.521   1.589   -6.280  1.00 1.00 ? 10 GLN A O    1 
ATOM 150 C CB   . GLN A 1 10 ? 6.643   1.442   -5.304  1.00 1.00 ? 10 GLN A CB   1 
ATOM 151 C CG   . GLN A 1 10 ? 7.745   0.678   -4.577  1.00 1.00 ? 10 GLN A CG   1 
ATOM 152 C CD   . GLN A 1 10 ? 8.808   0.219   -5.578  1.00 1.00 ? 10 GLN A CD   1 
ATOM 153 O OE1  . GLN A 1 10 ? 8.649   0.342   -6.778  1.00 1.00 ? 10 GLN A OE1  1 
ATOM 154 N NE2  . GLN A 1 10 ? 9.905   -0.327  -5.129  1.00 1.00 ? 10 GLN A NE2  1 
ATOM 155 H H    . GLN A 1 10 ? 7.150   -0.897  -6.176  1.00 0.00 ? 10 GLN A H    1 
ATOM 156 H HA   . GLN A 1 10 ? 4.971   0.156   -4.818  1.00 0.00 ? 10 GLN A HA   1 
ATOM 157 H HB2  . GLN A 1 10 ? 7.044   1.913   -6.188  1.00 0.00 ? 10 GLN A HB2  1 
ATOM 158 H HB3  . GLN A 1 10 ? 6.236   2.197   -4.653  1.00 0.00 ? 10 GLN A HB3  1 
ATOM 159 H HG2  . GLN A 1 10 ? 8.205   1.313   -3.833  1.00 0.00 ? 10 GLN A HG2  1 
ATOM 160 H HG3  . GLN A 1 10 ? 7.319   -0.182  -4.096  1.00 0.00 ? 10 GLN A HG3  1 
ATOM 161 H HE21 . GLN A 1 10 ? 10.037  -0.438  -4.164  1.00 0.00 ? 10 GLN A HE21 1 
ATOM 162 H HE22 . GLN A 1 10 ? 10.599  -0.622  -5.754  1.00 0.00 ? 10 GLN A HE22 1 
ATOM 163 N N    . GLN A 1 11 ? 4.980   1.269   -7.900  1.00 1.00 ? 11 GLN A N    1 
ATOM 164 C CA   . GLN A 1 11 ? 4.097   1.954   -8.876  1.00 1.00 ? 11 GLN A CA   1 
ATOM 165 C C    . GLN A 1 11 ? 2.765   1.218   -9.025  1.00 1.00 ? 11 GLN A C    1 
ATOM 166 O O    . GLN A 1 11 ? 1.727   1.674   -8.545  1.00 1.00 ? 11 GLN A O    1 
ATOM 167 C CB   . GLN A 1 11 ? 4.810   1.985   -10.244 1.00 1.00 ? 11 GLN A CB   1 
ATOM 168 C CG   . GLN A 1 11 ? 6.206   2.594   -10.093 1.00 1.00 ? 11 GLN A CG   1 
ATOM 169 C CD   . GLN A 1 11 ? 6.079   4.103   -9.873  1.00 1.00 ? 11 GLN A CD   1 
ATOM 170 O OE1  . GLN A 1 11 ? 5.628   4.555   -8.840  1.00 1.00 ? 11 GLN A OE1  1 
ATOM 171 N NE2  . GLN A 1 11 ? 6.461   4.913   -10.821 1.00 1.00 ? 11 GLN A NE2  1 
ATOM 172 H H    . GLN A 1 11 ? 5.837   0.891   -8.188  1.00 0.00 ? 11 GLN A H    1 
ATOM 173 H HA   . GLN A 1 11 ? 3.901   2.964   -8.521  1.00 0.00 ? 11 GLN A HA   1 
ATOM 174 H HB2  . GLN A 1 11 ? 4.900   0.984   -10.627 1.00 0.00 ? 11 GLN A HB2  1 
ATOM 175 H HB3  . GLN A 1 11 ? 4.238   2.581   -10.936 1.00 0.00 ? 11 GLN A HB3  1 
ATOM 176 H HG2  . GLN A 1 11 ? 6.714   2.150   -9.254  1.00 0.00 ? 11 GLN A HG2  1 
ATOM 177 H HG3  . GLN A 1 11 ? 6.778   2.416   -10.991 1.00 0.00 ? 11 GLN A HG3  1 
ATOM 178 H HE21 . GLN A 1 11 ? 6.824   4.552   -11.656 1.00 0.00 ? 11 GLN A HE21 1 
ATOM 179 H HE22 . GLN A 1 11 ? 6.386   5.882   -10.696 1.00 0.00 ? 11 GLN A HE22 1 
ATOM 180 N N    . ASN A 1 12 ? 2.815   0.094   -9.682  1.00 1.00 ? 12 ASN A N    1 
ATOM 181 C CA   . ASN A 1 12 ? 1.571   -0.691  -9.879  1.00 1.00 ? 12 ASN A CA   1 
ATOM 182 C C    . ASN A 1 12 ? 0.924   -1.012  -8.538  1.00 1.00 ? 12 ASN A C    1 
ATOM 183 O O    . ASN A 1 12 ? -0.281  -0.931  -8.389  1.00 1.00 ? 12 ASN A O    1 
ATOM 184 C CB   . ASN A 1 12 ? 1.930   -2.008  -10.591 1.00 1.00 ? 12 ASN A CB   1 
ATOM 185 C CG   . ASN A 1 12 ? 3.114   -2.670  -9.878  1.00 1.00 ? 12 ASN A CG   1 
ATOM 186 O OD1  . ASN A 1 12 ? 4.223   -2.686  -10.375 1.00 1.00 ? 12 ASN A OD1  1 
ATOM 187 N ND2  . ASN A 1 12 ? 2.923   -3.230  -8.716  1.00 1.00 ? 12 ASN A ND2  1 
ATOM 188 H H    . ASN A 1 12 ? 3.669   -0.231  -10.039 1.00 0.00 ? 12 ASN A H    1 
ATOM 189 H HA   . ASN A 1 12 ? 0.875   -0.104  -10.477 1.00 0.00 ? 12 ASN A HA   1 
ATOM 190 H HB2  . ASN A 1 12 ? 1.083   -2.677  -10.573 1.00 0.00 ? 12 ASN A HB2  1 
ATOM 191 H HB3  . ASN A 1 12 ? 2.200   -1.806  -11.618 1.00 0.00 ? 12 ASN A HB3  1 
ATOM 192 H HD21 . ASN A 1 12 ? 2.032   -3.222  -8.309  1.00 0.00 ? 12 ASN A HD21 1 
ATOM 193 H HD22 . ASN A 1 12 ? 3.671   -3.661  -8.251  1.00 0.00 ? 12 ASN A HD22 1 
ATOM 194 N N    . ALA A 1 13 ? 1.739   -1.368  -7.584  1.00 1.00 ? 13 ALA A N    1 
ATOM 195 C CA   . ALA A 1 13 ? 1.193   -1.695  -6.246  1.00 1.00 ? 13 ALA A CA   1 
ATOM 196 C C    . ALA A 1 13 ? 0.366   -0.541  -5.726  1.00 1.00 ? 13 ALA A C    1 
ATOM 197 O O    . ALA A 1 13 ? -0.802  -0.693  -5.450  1.00 1.00 ? 13 ALA A O    1 
ATOM 198 C CB   . ALA A 1 13 ? 2.356   -1.924  -5.279  1.00 1.00 ? 13 ALA A CB   1 
ATOM 199 H H    . ALA A 1 13 ? 2.695   -1.416  -7.750  1.00 0.00 ? 13 ALA A H    1 
ATOM 200 H HA   . ALA A 1 13 ? 0.563   -2.581  -6.320  1.00 0.00 ? 13 ALA A HA   1 
ATOM 201 H HB1  . ALA A 1 13 ? 2.967   -1.036  -5.225  1.00 0.00 ? 13 ALA A HB1  1 
ATOM 202 H HB2  . ALA A 1 13 ? 1.968   -2.144  -4.298  1.00 0.00 ? 13 ALA A HB2  1 
ATOM 203 H HB3  . ALA A 1 13 ? 2.957   -2.753  -5.619  1.00 0.00 ? 13 ALA A HB3  1 
ATOM 204 N N    . PHE A 1 14 ? 1.004   0.600   -5.600  1.00 1.00 ? 14 PHE A N    1 
ATOM 205 C CA   . PHE A 1 14 ? 0.288   1.797   -5.099  1.00 1.00 ? 14 PHE A CA   1 
ATOM 206 C C    . PHE A 1 14 ? -1.109  1.872   -5.684  1.00 1.00 ? 14 PHE A C    1 
ATOM 207 O O    . PHE A 1 14 ? -2.083  1.629   -5.006  1.00 1.00 ? 14 PHE A O    1 
ATOM 208 C CB   . PHE A 1 14 ? 1.073   3.039   -5.550  1.00 1.00 ? 14 PHE A CB   1 
ATOM 209 C CG   . PHE A 1 14 ? 0.199   4.292   -5.395  1.00 1.00 ? 14 PHE A CG   1 
ATOM 210 C CD1  . PHE A 1 14 ? -0.408  4.591   -4.182  1.00 1.00 ? 14 PHE A CD1  1 
ATOM 211 C CD2  . PHE A 1 14 ? 0.016   5.151   -6.463  1.00 1.00 ? 14 PHE A CD2  1 
ATOM 212 C CE1  . PHE A 1 14 ? -1.181  5.729   -4.052  1.00 1.00 ? 14 PHE A CE1  1 
ATOM 213 C CE2  . PHE A 1 14 ? -0.759  6.284   -6.328  1.00 1.00 ? 14 PHE A CE2  1 
ATOM 214 C CZ   . PHE A 1 14 ? -1.355  6.572   -5.123  1.00 1.00 ? 14 PHE A CZ   1 
ATOM 215 H H    . PHE A 1 14 ? 1.954   0.660   -5.841  1.00 0.00 ? 14 PHE A H    1 
ATOM 216 H HA   . PHE A 1 14 ? 0.220   1.762   -4.008  1.00 0.00 ? 14 PHE A HA   1 
ATOM 217 H HB2  . PHE A 1 14 ? 1.961   3.146   -4.949  1.00 0.00 ? 14 PHE A HB2  1 
ATOM 218 H HB3  . PHE A 1 14 ? 1.358   2.931   -6.586  1.00 0.00 ? 14 PHE A HB3  1 
ATOM 219 H HD1  . PHE A 1 14 ? -0.280  3.930   -3.337  1.00 0.00 ? 14 PHE A HD1  1 
ATOM 220 H HD2  . PHE A 1 14 ? 0.484   4.935   -7.408  1.00 0.00 ? 14 PHE A HD2  1 
ATOM 221 H HE1  . PHE A 1 14 ? -1.643  5.962   -3.103  1.00 0.00 ? 14 PHE A HE1  1 
ATOM 222 H HE2  . PHE A 1 14 ? -0.897  6.946   -7.170  1.00 0.00 ? 14 PHE A HE2  1 
ATOM 223 H HZ   . PHE A 1 14 ? -1.961  7.460   -5.018  1.00 0.00 ? 14 PHE A HZ   1 
ATOM 224 N N    . TYR A 1 15 ? -1.188  2.159   -6.946  1.00 1.00 ? 15 TYR A N    1 
ATOM 225 C CA   . TYR A 1 15 ? -2.531  2.256   -7.564  1.00 1.00 ? 15 TYR A CA   1 
ATOM 226 C C    . TYR A 1 15 ? -3.429  1.079   -7.161  1.00 1.00 ? 15 TYR A C    1 
ATOM 227 O O    . TYR A 1 15 ? -4.636  1.161   -7.250  1.00 1.00 ? 15 TYR A O    1 
ATOM 228 C CB   . TYR A 1 15 ? -2.377  2.246   -9.090  1.00 1.00 ? 15 TYR A CB   1 
ATOM 229 C CG   . TYR A 1 15 ? -1.591  3.480   -9.544  1.00 1.00 ? 15 TYR A CG   1 
ATOM 230 C CD1  . TYR A 1 15 ? -2.127  4.745   -9.409  1.00 1.00 ? 15 TYR A CD1  1 
ATOM 231 C CD2  . TYR A 1 15 ? -0.343  3.341   -10.119 1.00 1.00 ? 15 TYR A CD2  1 
ATOM 232 C CE1  . TYR A 1 15 ? -1.426  5.851   -9.842  1.00 1.00 ? 15 TYR A CE1  1 
ATOM 233 C CE2  . TYR A 1 15 ? 0.357   4.445   -10.550 1.00 1.00 ? 15 TYR A CE2  1 
ATOM 234 C CZ   . TYR A 1 15 ? -0.178  5.710   -10.417 1.00 1.00 ? 15 TYR A CZ   1 
ATOM 235 O OH   . TYR A 1 15 ? 0.524   6.818   -10.852 1.00 1.00 ? 15 TYR A OH   1 
ATOM 236 H H    . TYR A 1 15 ? -0.370  2.291   -7.488  1.00 0.00 ? 15 TYR A H    1 
ATOM 237 H HA   . TYR A 1 15 ? -2.993  3.181   -7.222  1.00 0.00 ? 15 TYR A HA   1 
ATOM 238 H HB2  . TYR A 1 15 ? -1.850  1.354   -9.395  1.00 0.00 ? 15 TYR A HB2  1 
ATOM 239 H HB3  . TYR A 1 15 ? -3.353  2.256   -9.554  1.00 0.00 ? 15 TYR A HB3  1 
ATOM 240 H HD1  . TYR A 1 15 ? -3.102  4.869   -8.961  1.00 0.00 ? 15 TYR A HD1  1 
ATOM 241 H HD2  . TYR A 1 15 ? 0.089   2.358   -10.230 1.00 0.00 ? 15 TYR A HD2  1 
ATOM 242 H HE1  . TYR A 1 15 ? -1.857  6.835   -9.733  1.00 0.00 ? 15 TYR A HE1  1 
ATOM 243 H HE2  . TYR A 1 15 ? 1.332   4.322   -11.000 1.00 0.00 ? 15 TYR A HE2  1 
ATOM 244 H HH   . TYR A 1 15 ? 0.217   7.578   -10.353 1.00 0.00 ? 15 TYR A HH   1 
ATOM 245 N N    . GLU A 1 16 ? -2.823  0.012   -6.729  1.00 1.00 ? 16 GLU A N    1 
ATOM 246 C CA   . GLU A 1 16 ? -3.629  -1.177  -6.320  1.00 1.00 ? 16 GLU A CA   1 
ATOM 247 C C    . GLU A 1 16 ? -4.132  -1.055  -4.874  1.00 1.00 ? 16 GLU A C    1 
ATOM 248 O O    . GLU A 1 16 ? -5.321  -0.958  -4.642  1.00 1.00 ? 16 GLU A O    1 
ATOM 249 C CB   . GLU A 1 16 ? -2.736  -2.423  -6.438  1.00 1.00 ? 16 GLU A CB   1 
ATOM 250 C CG   . GLU A 1 16 ? -3.507  -3.525  -7.165  1.00 1.00 ? 16 GLU A CG   1 
ATOM 251 C CD   . GLU A 1 16 ? -4.762  -3.881  -6.362  1.00 1.00 ? 16 GLU A CD   1 
ATOM 252 O OE1  . GLU A 1 16 ? -4.615  -4.687  -5.458  1.00 1.00 ? 16 GLU A OE1  1 
ATOM 253 O OE2  . GLU A 1 16 ? -5.794  -3.324  -6.698  1.00 1.00 ? 16 GLU A OE2  1 
ATOM 254 H H    . GLU A 1 16 ? -1.848  -0.012  -6.681  1.00 0.00 ? 16 GLU A H    1 
ATOM 255 H HA   . GLU A 1 16 ? -4.490  -1.257  -6.984  1.00 0.00 ? 16 GLU A HA   1 
ATOM 256 H HB2  . GLU A 1 16 ? -1.844  -2.177  -6.993  1.00 0.00 ? 16 GLU A HB2  1 
ATOM 257 H HB3  . GLU A 1 16 ? -2.456  -2.765  -5.453  1.00 0.00 ? 16 GLU A HB3  1 
ATOM 258 H HG2  . GLU A 1 16 ? -3.797  -3.183  -8.147  1.00 0.00 ? 16 GLU A HG2  1 
ATOM 259 H HG3  . GLU A 1 16 ? -2.885  -4.403  -7.263  1.00 0.00 ? 16 GLU A HG3  1 
ATOM 260 N N    . ILE A 1 17 ? -3.218  -1.070  -3.933  1.00 1.00 ? 17 ILE A N    1 
ATOM 261 C CA   . ILE A 1 17 ? -3.623  -0.960  -2.495  1.00 1.00 ? 17 ILE A CA   1 
ATOM 262 C C    . ILE A 1 17 ? -4.756  0.050   -2.312  1.00 1.00 ? 17 ILE A C    1 
ATOM 263 O O    . ILE A 1 17 ? -5.534  -0.043  -1.383  1.00 1.00 ? 17 ILE A O    1 
ATOM 264 C CB   . ILE A 1 17 ? -2.419  -0.443  -1.679  1.00 1.00 ? 17 ILE A CB   1 
ATOM 265 C CG1  . ILE A 1 17 ? -1.161  -0.480  -2.525  1.00 1.00 ? 17 ILE A CG1  1 
ATOM 266 C CG2  . ILE A 1 17 ? -2.198  -1.336  -0.441  1.00 1.00 ? 17 ILE A CG2  1 
ATOM 267 C CD1  . ILE A 1 17 ? 0.020   0.005   -1.687  1.00 1.00 ? 17 ILE A CD1  1 
ATOM 268 H H    . ILE A 1 17 ? -2.271  -1.155  -4.171  1.00 0.00 ? 17 ILE A H    1 
ATOM 269 H HA   . ILE A 1 17 ? -3.944  -1.936  -2.142  1.00 0.00 ? 17 ILE A HA   1 
ATOM 270 H HB   . ILE A 1 17 ? -2.612  0.590   -1.383  1.00 0.00 ? 17 ILE A HB   1 
ATOM 271 H HG12 . ILE A 1 17 ? -0.979  -1.490  -2.867  1.00 0.00 ? 17 ILE A HG12 1 
ATOM 272 H HG13 . ILE A 1 17 ? -1.284  0.161   -3.367  1.00 0.00 ? 17 ILE A HG13 1 
ATOM 273 H HG21 . ILE A 1 17 ? -3.147  -1.615  -0.007  1.00 0.00 ? 17 ILE A HG21 1 
ATOM 274 H HG22 . ILE A 1 17 ? -1.659  -2.221  -0.725  1.00 0.00 ? 17 ILE A HG22 1 
ATOM 275 H HG23 . ILE A 1 17 ? -1.622  -0.797  0.294   1.00 0.00 ? 17 ILE A HG23 1 
ATOM 276 H HD11 . ILE A 1 17 ? -0.262  0.888   -1.135  1.00 0.00 ? 17 ILE A HD11 1 
ATOM 277 H HD12 . ILE A 1 17 ? 0.314   -0.761  -1.000  1.00 0.00 ? 17 ILE A HD12 1 
ATOM 278 H HD13 . ILE A 1 17 ? 0.852   0.240   -2.332  1.00 0.00 ? 17 ILE A HD13 1 
ATOM 279 N N    . LEU A 1 18 ? -4.824  0.993   -3.209  1.00 1.00 ? 18 LEU A N    1 
ATOM 280 C CA   . LEU A 1 18 ? -5.887  2.033   -3.108  1.00 1.00 ? 18 LEU A CA   1 
ATOM 281 C C    . LEU A 1 18 ? -7.219  1.534   -3.639  1.00 1.00 ? 18 LEU A C    1 
ATOM 282 O O    . LEU A 1 18 ? -7.998  2.290   -4.189  1.00 1.00 ? 18 LEU A O    1 
ATOM 283 C CB   . LEU A 1 18 ? -5.437  3.239   -3.944  1.00 1.00 ? 18 LEU A CB   1 
ATOM 284 C CG   . LEU A 1 18 ? -4.493  4.129   -3.116  1.00 1.00 ? 18 LEU A CG   1 
ATOM 285 C CD1  . LEU A 1 18 ? -5.274  4.797   -1.947  1.00 1.00 ? 18 LEU A CD1  1 
ATOM 286 C CD2  . LEU A 1 18 ? -3.326  3.270   -2.581  1.00 1.00 ? 18 LEU A CD2  1 
ATOM 287 H H    . LEU A 1 18 ? -4.170  1.024   -3.949  1.00 0.00 ? 18 LEU A H    1 
ATOM 288 H HA   . LEU A 1 18 ? -6.010  2.306   -2.070  1.00 0.00 ? 18 LEU A HA   1 
ATOM 289 H HB2  . LEU A 1 18 ? -4.920  2.882   -4.820  1.00 0.00 ? 18 LEU A HB2  1 
ATOM 290 H HB3  . LEU A 1 18 ? -6.293  3.814   -4.257  1.00 0.00 ? 18 LEU A HB3  1 
ATOM 291 H HG   . LEU A 1 18 ? -4.092  4.902   -3.755  1.00 0.00 ? 18 LEU A HG   1 
ATOM 292 H HD11 . LEU A 1 18 ? -6.308  4.930   -2.229  1.00 0.00 ? 18 LEU A HD11 1 
ATOM 293 H HD12 . LEU A 1 18 ? -5.231  4.193   -1.058  1.00 0.00 ? 18 LEU A HD12 1 
ATOM 294 H HD13 . LEU A 1 18 ? -4.845  5.760   -1.732  1.00 0.00 ? 18 LEU A HD13 1 
ATOM 295 H HD21 . LEU A 1 18 ? -3.124  2.487   -3.260  1.00 0.00 ? 18 LEU A HD21 1 
ATOM 296 H HD22 . LEU A 1 18 ? -2.447  3.869   -2.496  1.00 0.00 ? 18 LEU A HD22 1 
ATOM 297 H HD23 . LEU A 1 18 ? -3.569  2.841   -1.623  1.00 0.00 ? 18 LEU A HD23 1 
ATOM 298 N N    . HIS A 1 19 ? -7.465  0.277   -3.468  1.00 1.00 ? 19 HIS A N    1 
ATOM 299 C CA   . HIS A 1 19 ? -8.753  -0.270  -3.964  1.00 1.00 ? 19 HIS A CA   1 
ATOM 300 C C    . HIS A 1 19 ? -9.300  -1.388  -3.072  1.00 1.00 ? 19 HIS A C    1 
ATOM 301 O O    . HIS A 1 19 ? -10.487 -1.628  -3.072  1.00 1.00 ? 19 HIS A O    1 
ATOM 302 C CB   . HIS A 1 19 ? -8.519  -0.801  -5.383  1.00 1.00 ? 19 HIS A CB   1 
ATOM 303 C CG   . HIS A 1 19 ? -8.432  0.385   -6.325  1.00 1.00 ? 19 HIS A CG   1 
ATOM 304 N ND1  . HIS A 1 19 ? -9.219  1.349   -6.321  1.00 1.00 ? 19 HIS A ND1  1 
ATOM 305 C CD2  . HIS A 1 19 ? -7.505  0.669   -7.305  1.00 1.00 ? 19 HIS A CD2  1 
ATOM 306 C CE1  . HIS A 1 19 ? -8.891  2.211   -7.183  1.00 1.00 ? 19 HIS A CE1  1 
ATOM 307 N NE2  . HIS A 1 19 ? -7.805  1.863   -7.864  1.00 1.00 ? 19 HIS A NE2  1 
ATOM 308 H H    . HIS A 1 19 ? -6.800  -0.303  -3.046  1.00 0.00 ? 19 HIS A H    1 
ATOM 309 H HA   . HIS A 1 19 ? -9.486  0.534   -3.981  1.00 0.00 ? 19 HIS A HA   1 
ATOM 310 H HB2  . HIS A 1 19 ? -7.600  -1.341  -5.425  1.00 0.00 ? 19 HIS A HB2  1 
ATOM 311 H HB3  . HIS A 1 19 ? -9.332  -1.442  -5.681  1.00 0.00 ? 19 HIS A HB3  1 
ATOM 312 H HD1  . HIS A 1 19 ? -9.994  1.429   -5.725  1.00 0.00 ? 19 HIS A HD1  1 
ATOM 313 H HD2  . HIS A 1 19 ? -6.670  0.047   -7.572  1.00 0.00 ? 19 HIS A HD2  1 
ATOM 314 H HE1  . HIS A 1 19 ? -9.418  3.122   -7.332  1.00 0.00 ? 19 HIS A HE1  1 
ATOM 315 N N    . LEU A 1 20 ? -8.435  -2.015  -2.297  1.00 1.00 ? 20 LEU A N    1 
ATOM 316 C CA   . LEU A 1 20 ? -8.893  -3.125  -1.395  1.00 1.00 ? 20 LEU A CA   1 
ATOM 317 C C    . LEU A 1 20 ? -10.300 -2.807  -0.792  1.00 1.00 ? 20 LEU A C    1 
ATOM 318 O O    . LEU A 1 20 ? -10.406 -2.212  0.284   1.00 1.00 ? 20 LEU A O    1 
ATOM 319 C CB   . LEU A 1 20 ? -7.871  -3.220  -0.262  1.00 1.00 ? 20 LEU A CB   1 
ATOM 320 C CG   . LEU A 1 20 ? -6.514  -3.626  -0.844  1.00 1.00 ? 20 LEU A CG   1 
ATOM 321 C CD1  . LEU A 1 20 ? -5.431  -3.308  0.183   1.00 1.00 ? 20 LEU A CD1  1 
ATOM 322 C CD2  . LEU A 1 20 ? -6.492  -5.136  -1.149  1.00 1.00 ? 20 LEU A CD2  1 
ATOM 323 H H    . LEU A 1 20 ? -7.493  -1.755  -2.310  1.00 0.00 ? 20 LEU A H    1 
ATOM 324 H HA   . LEU A 1 20 ? -8.914  -4.040  -1.958  1.00 0.00 ? 20 LEU A HA   1 
ATOM 325 H HB2  . LEU A 1 20 ? -7.778  -2.255  0.226   1.00 0.00 ? 20 LEU A HB2  1 
ATOM 326 H HB3  . LEU A 1 20 ? -8.190  -3.951  0.447   1.00 0.00 ? 20 LEU A HB3  1 
ATOM 327 H HG   . LEU A 1 20 ? -6.327  -3.071  -1.751  1.00 0.00 ? 20 LEU A HG   1 
ATOM 328 H HD11 . LEU A 1 20 ? -5.657  -3.803  1.118   1.00 0.00 ? 20 LEU A HD11 1 
ATOM 329 H HD12 . LEU A 1 20 ? -4.478  -3.651  -0.177  1.00 0.00 ? 20 LEU A HD12 1 
ATOM 330 H HD13 . LEU A 1 20 ? -5.387  -2.242  0.349   1.00 0.00 ? 20 LEU A HD13 1 
ATOM 331 H HD21 . LEU A 1 20 ? -7.475  -5.557  -1.020  1.00 0.00 ? 20 LEU A HD21 1 
ATOM 332 H HD22 . LEU A 1 20 ? -6.173  -5.296  -2.167  1.00 0.00 ? 20 LEU A HD22 1 
ATOM 333 H HD23 . LEU A 1 20 ? -5.805  -5.633  -0.480  1.00 0.00 ? 20 LEU A HD23 1 
ATOM 334 N N    . PRO A 1 21 ? -11.368 -3.305  -1.453  1.00 1.00 ? 21 PRO A N    1 
ATOM 335 C CA   . PRO A 1 21 ? -12.750 -3.039  -1.008  1.00 1.00 ? 21 PRO A CA   1 
ATOM 336 C C    . PRO A 1 21 ? -13.146 -3.697  0.313   1.00 1.00 ? 21 PRO A C    1 
ATOM 337 O O    . PRO A 1 21 ? -14.260 -3.500  0.761   1.00 1.00 ? 21 PRO A O    1 
ATOM 338 C CB   . PRO A 1 21 ? -13.632 -3.636  -2.123  1.00 1.00 ? 21 PRO A CB   1 
ATOM 339 C CG   . PRO A 1 21 ? -12.714 -4.488  -3.047  1.00 1.00 ? 21 PRO A CG   1 
ATOM 340 C CD   . PRO A 1 21 ? -11.272 -4.248  -2.607  1.00 1.00 ? 21 PRO A CD   1 
ATOM 341 H HA   . PRO A 1 21 ? -12.906 -1.971  -0.940  1.00 0.00 ? 21 PRO A HA   1 
ATOM 342 H HB2  . PRO A 1 21 ? -14.400 -4.263  -1.689  1.00 0.00 ? 21 PRO A HB2  1 
ATOM 343 H HB3  . PRO A 1 21 ? -14.095 -2.843  -2.692  1.00 0.00 ? 21 PRO A HB3  1 
ATOM 344 H HG2  . PRO A 1 21 ? -12.955 -5.538  -2.945  1.00 0.00 ? 21 PRO A HG2  1 
ATOM 345 H HG3  . PRO A 1 21 ? -12.838 -4.189  -4.075  1.00 0.00 ? 21 PRO A HG3  1 
ATOM 346 H HD2  . PRO A 1 21 ? -10.833 -5.181  -2.286  1.00 0.00 ? 21 PRO A HD2  1 
ATOM 347 H HD3  . PRO A 1 21 ? -10.699 -3.825  -3.411  1.00 0.00 ? 21 PRO A HD3  1 
ATOM 348 N N    . ASN A 1 22 ? -12.269 -4.443  0.925   1.00 1.00 ? 22 ASN A N    1 
ATOM 349 C CA   . ASN A 1 22 ? -12.673 -5.086  2.202   1.00 1.00 ? 22 ASN A CA   1 
ATOM 350 C C    . ASN A 1 22 ? -12.273 -4.306  3.464   1.00 1.00 ? 22 ASN A C    1 
ATOM 351 O O    . ASN A 1 22 ? -12.863 -4.533  4.501   1.00 1.00 ? 22 ASN A O    1 
ATOM 352 C CB   . ASN A 1 22 ? -12.055 -6.474  2.250   1.00 1.00 ? 22 ASN A CB   1 
ATOM 353 C CG   . ASN A 1 22 ? -12.972 -7.445  1.497   1.00 1.00 ? 22 ASN A CG   1 
ATOM 354 O OD1  . ASN A 1 22 ? -14.178 -7.420  1.649   1.00 1.00 ? 22 ASN A OD1  1 
ATOM 355 N ND2  . ASN A 1 22 ? -12.442 -8.312  0.679   1.00 1.00 ? 22 ASN A ND2  1 
ATOM 356 H H    . ASN A 1 22 ? -11.376 -4.597  0.543   1.00 0.00 ? 22 ASN A H    1 
ATOM 357 H HA   . ASN A 1 22 ? -13.754 -5.178  2.205   1.00 0.00 ? 22 ASN A HA   1 
ATOM 358 H HB2  . ASN A 1 22 ? -11.082 -6.464  1.779   1.00 0.00 ? 22 ASN A HB2  1 
ATOM 359 H HB3  . ASN A 1 22 ? -11.961 -6.794  3.277   1.00 0.00 ? 22 ASN A HB3  1 
ATOM 360 H HD21 . ASN A 1 22 ? -11.469 -8.335  0.552   1.00 0.00 ? 22 ASN A HD21 1 
ATOM 361 H HD22 . ASN A 1 22 ? -13.014 -8.943  0.194   1.00 0.00 ? 22 ASN A HD22 1 
ATOM 362 N N    . LEU A 1 23 ? -11.295 -3.400  3.386   1.00 1.00 ? 23 LEU A N    1 
ATOM 363 C CA   . LEU A 1 23 ? -10.924 -2.646  4.649   1.00 1.00 ? 23 LEU A CA   1 
ATOM 364 C C    . LEU A 1 23 ? -11.181 -1.161  4.518   1.00 1.00 ? 23 LEU A C    1 
ATOM 365 O O    . LEU A 1 23 ? -11.443 -0.655  3.443   1.00 1.00 ? 23 LEU A O    1 
ATOM 366 C CB   . LEU A 1 23 ? -9.417  -2.784  4.997   1.00 1.00 ? 23 LEU A CB   1 
ATOM 367 C CG   . LEU A 1 23 ? -8.764  -4.086  4.498   1.00 1.00 ? 23 LEU A CG   1 
ATOM 368 C CD1  . LEU A 1 23 ? -9.688  -5.294  4.614   1.00 1.00 ? 23 LEU A CD1  1 
ATOM 369 C CD2  . LEU A 1 23 ? -8.321  -3.918  3.045   1.00 1.00 ? 23 LEU A CD2  1 
ATOM 370 H H    . LEU A 1 23 ? -10.835 -3.212  2.527   1.00 0.00 ? 23 LEU A H    1 
ATOM 371 H HA   . LEU A 1 23 ? -11.531 -3.010  5.473   1.00 0.00 ? 23 LEU A HA   1 
ATOM 372 H HB2  . LEU A 1 23 ? -8.890  -1.949  4.568   1.00 0.00 ? 23 LEU A HB2  1 
ATOM 373 H HB3  . LEU A 1 23 ? -9.306  -2.734  6.069   1.00 0.00 ? 23 LEU A HB3  1 
ATOM 374 H HG   . LEU A 1 23 ? -7.911  -4.267  5.095   1.00 0.00 ? 23 LEU A HG   1 
ATOM 375 H HD11 . LEU A 1 23 ? -10.525 -5.074  5.245   1.00 0.00 ? 23 LEU A HD11 1 
ATOM 376 H HD12 . LEU A 1 23 ? -10.032 -5.574  3.640   1.00 0.00 ? 23 LEU A HD12 1 
ATOM 377 H HD13 . LEU A 1 23 ? -9.138  -6.122  5.042   1.00 0.00 ? 23 LEU A HD13 1 
ATOM 378 H HD21 . LEU A 1 23 ? -7.654  -3.070  2.957   1.00 0.00 ? 23 LEU A HD21 1 
ATOM 379 H HD22 . LEU A 1 23 ? -7.807  -4.807  2.712   1.00 0.00 ? 23 LEU A HD22 1 
ATOM 380 H HD23 . LEU A 1 23 ? -9.176  -3.756  2.428   1.00 0.00 ? 23 LEU A HD23 1 
ATOM 381 N N    . ASN A 1 24 ? -11.094 -0.485  5.637   1.00 1.00 ? 24 ASN A N    1 
ATOM 382 C CA   . ASN A 1 24 ? -11.312 0.970   5.625   1.00 1.00 ? 24 ASN A CA   1 
ATOM 383 C C    . ASN A 1 24 ? -10.029 1.666   5.214   1.00 1.00 ? 24 ASN A C    1 
ATOM 384 O O    . ASN A 1 24 ? -8.939  1.120   5.360   1.00 1.00 ? 24 ASN A O    1 
ATOM 385 C CB   . ASN A 1 24 ? -11.697 1.438   7.026   1.00 1.00 ? 24 ASN A CB   1 
ATOM 386 C CG   . ASN A 1 24 ? -10.788 0.761   8.050   1.00 1.00 ? 24 ASN A CG   1 
ATOM 387 O OD1  . ASN A 1 24 ? -9.662  1.166   8.261   1.00 1.00 ? 24 ASN A OD1  1 
ATOM 388 N ND2  . ASN A 1 24 ? -11.235 -0.270  8.707   1.00 1.00 ? 24 ASN A ND2  1 
ATOM 389 H H    . ASN A 1 24 ? -10.889 -0.947  6.478   1.00 0.00 ? 24 ASN A H    1 
ATOM 390 H HA   . ASN A 1 24 ? -12.091 1.205   4.906   1.00 0.00 ? 24 ASN A HA   1 
ATOM 391 H HB2  . ASN A 1 24 ? -11.576 2.511   7.092   1.00 0.00 ? 24 ASN A HB2  1 
ATOM 392 H HB3  . ASN A 1 24 ? -12.724 1.180   7.232   1.00 0.00 ? 24 ASN A HB3  1 
ATOM 393 H HD21 . ASN A 1 24 ? -12.143 -0.599  8.543   1.00 0.00 ? 24 ASN A HD21 1 
ATOM 394 H HD22 . ASN A 1 24 ? -10.663 -0.720  9.358   1.00 0.00 ? 24 ASN A HD22 1 
ATOM 395 N N    . GLU A 1 25 ? -10.156 2.860   4.749   1.00 1.00 ? 25 GLU A N    1 
ATOM 396 C CA   . GLU A 1 25 ? -8.944  3.571   4.327   1.00 1.00 ? 25 GLU A CA   1 
ATOM 397 C C    . GLU A 1 25 ? -8.213  4.227   5.485   1.00 1.00 ? 25 GLU A C    1 
ATOM 398 O O    . GLU A 1 25 ? -7.077  4.579   5.353   1.00 1.00 ? 25 GLU A O    1 
ATOM 399 C CB   . GLU A 1 25 ? -9.321  4.601   3.274   1.00 1.00 ? 25 GLU A CB   1 
ATOM 400 C CG   . GLU A 1 25 ? -9.151  3.930   1.910   1.00 1.00 ? 25 GLU A CG   1 
ATOM 401 C CD   . GLU A 1 25 ? -9.898  4.738   0.844   1.00 1.00 ? 25 GLU A CD   1 
ATOM 402 O OE1  . GLU A 1 25 ? -11.114 4.741   0.923   1.00 1.00 ? 25 GLU A OE1  1 
ATOM 403 O OE2  . GLU A 1 25 ? -9.209  5.304   0.011   1.00 1.00 ? 25 GLU A OE2  1 
ATOM 404 H H    . GLU A 1 25 ? -11.038 3.287   4.695   1.00 0.00 ? 25 GLU A H    1 
ATOM 405 H HA   . GLU A 1 25 ? -8.273  2.841   3.893   1.00 0.00 ? 25 GLU A HA   1 
ATOM 406 H HB2  . GLU A 1 25 ? -10.348 4.907   3.410   1.00 0.00 ? 25 GLU A HB2  1 
ATOM 407 H HB3  . GLU A 1 25 ? -8.672  5.460   3.348   1.00 0.00 ? 25 GLU A HB3  1 
ATOM 408 H HG2  . GLU A 1 25 ? -8.099  3.877   1.658   1.00 0.00 ? 25 GLU A HG2  1 
ATOM 409 H HG3  . GLU A 1 25 ? -9.555  2.922   1.947   1.00 0.00 ? 25 GLU A HG3  1 
ATOM 410 N N    . GLU A 1 26 ? -8.849  4.386   6.603   1.00 1.00 ? 26 GLU A N    1 
ATOM 411 C CA   . GLU A 1 26 ? -8.105  5.015   7.719   1.00 1.00 ? 26 GLU A CA   1 
ATOM 412 C C    . GLU A 1 26 ? -6.800  4.243   7.916   1.00 1.00 ? 26 GLU A C    1 
ATOM 413 O O    . GLU A 1 26 ? -5.712  4.777   7.764   1.00 1.00 ? 26 GLU A O    1 
ATOM 414 C CB   . GLU A 1 26 ? -8.954  4.919   9.001   1.00 1.00 ? 26 GLU A CB   1 
ATOM 415 C CG   . GLU A 1 26 ? -8.250  5.671   10.140  1.00 1.00 ? 26 GLU A CG   1 
ATOM 416 C CD   . GLU A 1 26 ? -7.466  4.675   10.997  1.00 1.00 ? 26 GLU A CD   1 
ATOM 417 O OE1  . GLU A 1 26 ? -8.122  3.822   11.575  1.00 1.00 ? 26 GLU A OE1  1 
ATOM 418 O OE2  . GLU A 1 26 ? -6.255  4.824   11.027  1.00 1.00 ? 26 GLU A OE2  1 
ATOM 419 H H    . GLU A 1 26 ? -9.783  4.105   6.705   1.00 0.00 ? 26 GLU A H    1 
ATOM 420 H HA   . GLU A 1 26 ? -7.878  6.052   7.460   1.00 0.00 ? 26 GLU A HA   1 
ATOM 421 H HB2  . GLU A 1 26 ? -9.927  5.353   8.827   1.00 0.00 ? 26 GLU A HB2  1 
ATOM 422 H HB3  . GLU A 1 26 ? -9.075  3.880   9.277   1.00 0.00 ? 26 GLU A HB3  1 
ATOM 423 H HG2  . GLU A 1 26 ? -7.568  6.402   9.733   1.00 0.00 ? 26 GLU A HG2  1 
ATOM 424 H HG3  . GLU A 1 26 ? -8.983  6.172   10.755  1.00 0.00 ? 26 GLU A HG3  1 
ATOM 425 N N    . GLN A 1 27 ? -6.945  2.981   8.211   1.00 1.00 ? 27 GLN A N    1 
ATOM 426 C CA   . GLN A 1 27 ? -5.754  2.123   8.420   1.00 1.00 ? 27 GLN A CA   1 
ATOM 427 C C    . GLN A 1 27 ? -4.975  1.966   7.112   1.00 1.00 ? 27 GLN A C    1 
ATOM 428 O O    . GLN A 1 27 ? -3.759  2.195   7.058   1.00 1.00 ? 27 GLN A O    1 
ATOM 429 C CB   . GLN A 1 27 ? -6.264  0.735   8.867   1.00 1.00 ? 27 GLN A CB   1 
ATOM 430 C CG   . GLN A 1 27 ? -5.086  -0.194  9.204   1.00 1.00 ? 27 GLN A CG   1 
ATOM 431 C CD   . GLN A 1 27 ? -4.785  -0.101  10.698  1.00 1.00 ? 27 GLN A CD   1 
ATOM 432 O OE1  . GLN A 1 27 ? -4.912  0.944   11.303  1.00 1.00 ? 27 GLN A OE1  1 
ATOM 433 N NE2  . GLN A 1 27 ? -4.385  -1.169  11.333  1.00 1.00 ? 27 GLN A NE2  1 
ATOM 434 H H    . GLN A 1 27 ? -7.843  2.599   8.294   1.00 0.00 ? 27 GLN A H    1 
ATOM 435 H HA   . GLN A 1 27 ? -5.113  2.571   9.175   1.00 0.00 ? 27 GLN A HA   1 
ATOM 436 H HB2  . GLN A 1 27 ? -6.889  0.848   9.740   1.00 0.00 ? 27 GLN A HB2  1 
ATOM 437 H HB3  . GLN A 1 27 ? -6.848  0.297   8.075   1.00 0.00 ? 27 GLN A HB3  1 
ATOM 438 H HG2  . GLN A 1 27 ? -5.348  -1.213  8.956   1.00 0.00 ? 27 GLN A HG2  1 
ATOM 439 H HG3  . GLN A 1 27 ? -4.210  0.091   8.647   1.00 0.00 ? 27 GLN A HG3  1 
ATOM 440 H HE21 . GLN A 1 27 ? -4.281  -2.016  10.850  1.00 0.00 ? 27 GLN A HE21 1 
ATOM 441 H HE22 . GLN A 1 27 ? -4.191  -1.125  12.292  1.00 0.00 ? 27 GLN A HE22 1 
ATOM 442 N N    . ARG A 1 28 ? -5.670  1.584   6.073   1.00 1.00 ? 28 ARG A N    1 
ATOM 443 C CA   . ARG A 1 28 ? -4.965  1.413   4.795   1.00 1.00 ? 28 ARG A CA   1 
ATOM 444 C C    . ARG A 1 28 ? -4.313  2.712   4.381   1.00 1.00 ? 28 ARG A C    1 
ATOM 445 O O    . ARG A 1 28 ? -3.119  2.747   4.169   1.00 1.00 ? 28 ARG A O    1 
ATOM 446 C CB   . ARG A 1 28 ? -5.972  0.892   3.734   1.00 1.00 ? 28 ARG A CB   1 
ATOM 447 C CG   . ARG A 1 28 ? -5.858  1.665   2.409   1.00 1.00 ? 28 ARG A CG   1 
ATOM 448 C CD   . ARG A 1 28 ? -6.624  0.895   1.332   1.00 1.00 ? 28 ARG A CD   1 
ATOM 449 N NE   . ARG A 1 28 ? -6.910  1.805   0.190   1.00 1.00 ? 28 ARG A NE   1 
ATOM 450 C CZ   . ARG A 1 28 ? -8.009  1.648   -0.492  1.00 1.00 ? 28 ARG A CZ   1 
ATOM 451 N NH1  . ARG A 1 28 ? -8.443  0.438   -0.716  1.00 1.00 ? 28 ARG A NH1  1 
ATOM 452 N NH2  . ARG A 1 28 ? -8.640  2.704   -0.922  1.00 1.00 ? 28 ARG A NH2  1 
ATOM 453 H H    . ARG A 1 28 ? -6.645  1.416   6.141   1.00 0.00 ? 28 ARG A H    1 
ATOM 454 H HA   . ARG A 1 28 ? -4.178  0.700   4.963   1.00 0.00 ? 28 ARG A HA   1 
ATOM 455 H HB2  . ARG A 1 28 ? -5.783  -0.150  3.551   1.00 0.00 ? 28 ARG A HB2  1 
ATOM 456 H HB3  . ARG A 1 28 ? -6.966  0.988   4.118   1.00 0.00 ? 28 ARG A HB3  1 
ATOM 457 H HG2  . ARG A 1 28 ? -6.285  2.649   2.520   1.00 0.00 ? 28 ARG A HG2  1 
ATOM 458 H HG3  . ARG A 1 28 ? -4.828  1.754   2.113   1.00 0.00 ? 28 ARG A HG3  1 
ATOM 459 H HD2  . ARG A 1 28 ? -6.030  0.062   0.987   1.00 0.00 ? 28 ARG A HD2  1 
ATOM 460 H HD3  . ARG A 1 28 ? -7.555  0.528   1.736   1.00 0.00 ? 28 ARG A HD3  1 
ATOM 461 H HE   . ARG A 1 28 ? -6.277  2.514   -0.048  1.00 0.00 ? 28 ARG A HE   1 
ATOM 462 H HH11 . ARG A 1 28 ? -7.934  -0.348  -0.366  1.00 0.00 ? 28 ARG A HH11 1 
ATOM 463 H HH12 . ARG A 1 28 ? -9.282  0.298   -1.240  1.00 0.00 ? 28 ARG A HH12 1 
ATOM 464 H HH21 . ARG A 1 28 ? -8.279  3.615   -0.729  1.00 0.00 ? 28 ARG A HH21 1 
ATOM 465 H HH22 . ARG A 1 28 ? -9.487  2.602   -1.446  1.00 0.00 ? 28 ARG A HH22 1 
ATOM 466 N N    . ASN A 1 29 ? -5.081  3.755   4.254   1.00 1.00 ? 29 ASN A N    1 
ATOM 467 C CA   . ASN A 1 29 ? -4.453  5.041   3.868   1.00 1.00 ? 29 ASN A CA   1 
ATOM 468 C C    . ASN A 1 29 ? -3.241  5.253   4.745   1.00 1.00 ? 29 ASN A C    1 
ATOM 469 O O    . ASN A 1 29 ? -2.328  5.954   4.391   1.00 1.00 ? 29 ASN A O    1 
ATOM 470 C CB   . ASN A 1 29 ? -5.442  6.194   4.112   1.00 1.00 ? 29 ASN A CB   1 
ATOM 471 C CG   . ASN A 1 29 ? -4.867  7.489   3.543   1.00 1.00 ? 29 ASN A CG   1 
ATOM 472 O OD1  . ASN A 1 29 ? -4.054  7.479   2.640   1.00 1.00 ? 29 ASN A OD1  1 
ATOM 473 N ND2  . ASN A 1 29 ? -5.261  8.622   4.049   1.00 1.00 ? 29 ASN A ND2  1 
ATOM 474 H H    . ASN A 1 29 ? -6.042  3.684   4.386   1.00 0.00 ? 29 ASN A H    1 
ATOM 475 H HA   . ASN A 1 29 ? -4.143  4.995   2.826   1.00 0.00 ? 29 ASN A HA   1 
ATOM 476 H HB2  . ASN A 1 29 ? -6.383  5.984   3.631   1.00 0.00 ? 29 ASN A HB2  1 
ATOM 477 H HB3  . ASN A 1 29 ? -5.598  6.322   5.173   1.00 0.00 ? 29 ASN A HB3  1 
ATOM 478 H HD21 . ASN A 1 29 ? -5.916  8.631   4.780   1.00 0.00 ? 29 ASN A HD21 1 
ATOM 479 H HD22 . ASN A 1 29 ? -4.905  9.465   3.701   1.00 0.00 ? 29 ASN A HD22 1 
ATOM 480 N N    . GLY A 1 30 ? -3.265  4.617   5.893   1.00 1.00 ? 30 GLY A N    1 
ATOM 481 C CA   . GLY A 1 30 ? -2.126  4.747   6.830   1.00 1.00 ? 30 GLY A CA   1 
ATOM 482 C C    . GLY A 1 30 ? -0.820  4.275   6.176   1.00 1.00 ? 30 GLY A C    1 
ATOM 483 O O    . GLY A 1 30 ? 0.104   5.064   5.987   1.00 1.00 ? 30 GLY A O    1 
ATOM 484 H H    . GLY A 1 30 ? -4.043  4.067   6.139   1.00 0.00 ? 30 GLY A H    1 
ATOM 485 H HA2  . GLY A 1 30 ? -2.023  5.782   7.122   1.00 0.00 ? 30 GLY A HA2  1 
ATOM 486 H HA3  . GLY A 1 30 ? -2.319  4.149   7.709   1.00 0.00 ? 30 GLY A HA3  1 
ATOM 487 N N    . PHE A 1 31 ? -0.738  3.007   5.818   1.00 1.00 ? 31 PHE A N    1 
ATOM 488 C CA   . PHE A 1 31 ? 0.537   2.580   5.199   1.00 1.00 ? 31 PHE A CA   1 
ATOM 489 C C    . PHE A 1 31 ? 0.938   3.519   4.071   1.00 1.00 ? 31 PHE A C    1 
ATOM 490 O O    . PHE A 1 31 ? 1.996   4.140   4.088   1.00 1.00 ? 31 PHE A O    1 
ATOM 491 C CB   . PHE A 1 31 ? 0.494   1.137   4.612   1.00 1.00 ? 31 PHE A CB   1 
ATOM 492 C CG   . PHE A 1 31 ? -0.875  0.575   4.283   1.00 1.00 ? 31 PHE A CG   1 
ATOM 493 C CD1  . PHE A 1 31 ? -1.484  0.881   3.079   1.00 1.00 ? 31 PHE A CD1  1 
ATOM 494 C CD2  . PHE A 1 31 ? -1.395  -0.456  5.045   1.00 1.00 ? 31 PHE A CD2  1 
ATOM 495 C CE1  . PHE A 1 31 ? -2.569  0.167   2.640   1.00 1.00 ? 31 PHE A CE1  1 
ATOM 496 C CE2  . PHE A 1 31 ? -2.481  -1.172  4.600   1.00 1.00 ? 31 PHE A CE2  1 
ATOM 497 C CZ   . PHE A 1 31 ? -3.071  -0.859  3.394   1.00 1.00 ? 31 PHE A CZ   1 
ATOM 498 H H    . PHE A 1 31 ? -1.493  2.376   5.954   1.00 0.00 ? 31 PHE A H    1 
ATOM 499 H HA   . PHE A 1 31 ? 1.312   2.641   5.967   1.00 0.00 ? 31 PHE A HA   1 
ATOM 500 H HB2  . PHE A 1 31 ? 1.042   1.141   3.698   1.00 0.00 ? 31 PHE A HB2  1 
ATOM 501 H HB3  . PHE A 1 31 ? 0.968   0.466   5.299   1.00 0.00 ? 31 PHE A HB3  1 
ATOM 502 H HD1  . PHE A 1 31 ? -1.095  1.667   2.473   1.00 0.00 ? 31 PHE A HD1  1 
ATOM 503 H HD2  . PHE A 1 31 ? -0.948  -0.697  5.997   1.00 0.00 ? 31 PHE A HD2  1 
ATOM 504 H HE1  . PHE A 1 31 ? -3.017  0.406   1.692   1.00 0.00 ? 31 PHE A HE1  1 
ATOM 505 H HE2  . PHE A 1 31 ? -2.855  -1.987  5.184   1.00 0.00 ? 31 PHE A HE2  1 
ATOM 506 H HZ   . PHE A 1 31 ? -3.927  -1.413  3.049   1.00 0.00 ? 31 PHE A HZ   1 
ATOM 507 N N    . ILE A 1 32 ? 0.095   3.642   3.129   1.00 1.00 ? 32 ILE A N    1 
ATOM 508 C CA   . ILE A 1 32 ? 0.429   4.518   2.019   1.00 1.00 ? 32 ILE A CA   1 
ATOM 509 C C    . ILE A 1 32 ? 0.591   5.938   2.466   1.00 1.00 ? 32 ILE A C    1 
ATOM 510 O O    . ILE A 1 32 ? 1.290   6.689   1.825   1.00 1.00 ? 32 ILE A O    1 
ATOM 511 C CB   . ILE A 1 32 ? -0.650  4.431   0.970   1.00 1.00 ? 32 ILE A CB   1 
ATOM 512 C CG1  . ILE A 1 32 ? -1.996  4.566   1.602   1.00 1.00 ? 32 ILE A CG1  1 
ATOM 513 C CG2  . ILE A 1 32 ? -0.534  3.059   0.279   1.00 1.00 ? 32 ILE A CG2  1 
ATOM 514 C CD1  . ILE A 1 32 ? -3.058  4.561   0.504   1.00 1.00 ? 32 ILE A CD1  1 
ATOM 515 H H    . ILE A 1 32 ? -0.760  3.179   3.161   1.00 0.00 ? 32 ILE A H    1 
ATOM 516 H HA   . ILE A 1 32 ? 1.378   4.195   1.608   1.00 0.00 ? 32 ILE A HA   1 
ATOM 517 H HB   . ILE A 1 32 ? -0.529  5.233   0.273   1.00 0.00 ? 32 ILE A HB   1 
ATOM 518 H HG12 . ILE A 1 32 ? -2.169  3.750   2.281   1.00 0.00 ? 32 ILE A HG12 1 
ATOM 519 H HG13 . ILE A 1 32 ? -2.036  5.497   2.139   1.00 0.00 ? 32 ILE A HG13 1 
ATOM 520 H HG21 . ILE A 1 32 ? 0.236   2.465   0.759   1.00 0.00 ? 32 ILE A HG21 1 
ATOM 521 H HG22 . ILE A 1 32 ? -1.470  2.533   0.346   1.00 0.00 ? 32 ILE A HG22 1 
ATOM 522 H HG23 . ILE A 1 32 ? -0.274  3.197   -0.754  1.00 0.00 ? 32 ILE A HG23 1 
ATOM 523 H HD11 . ILE A 1 32 ? -2.584  4.606   -0.447  1.00 0.00 ? 32 ILE A HD11 1 
ATOM 524 H HD12 . ILE A 1 32 ? -3.641  3.655   0.567   1.00 0.00 ? 32 ILE A HD12 1 
ATOM 525 H HD13 . ILE A 1 32 ? -3.704  5.412   0.609   1.00 0.00 ? 32 ILE A HD13 1 
ATOM 526 N N    . GLN A 1 33 ? -0.033  6.319   3.562   1.00 1.00 ? 33 GLN A N    1 
ATOM 527 C CA   . GLN A 1 33 ? 0.161   7.714   3.963   1.00 1.00 ? 33 GLN A CA   1 
ATOM 528 C C    . GLN A 1 33 ? 1.641   7.943   3.993   1.00 1.00 ? 33 GLN A C    1 
ATOM 529 O O    . GLN A 1 33 ? 2.125   9.038   3.783   1.00 1.00 ? 33 GLN A O    1 
ATOM 530 C CB   . GLN A 1 33 ? -0.428  8.000   5.361   1.00 1.00 ? 33 GLN A CB   1 
ATOM 531 C CG   . GLN A 1 33 ? -0.141  9.462   5.721   1.00 1.00 ? 33 GLN A CG   1 
ATOM 532 C CD   . GLN A 1 33 ? -0.968  9.858   6.948   1.00 1.00 ? 33 GLN A CD   1 
ATOM 533 O OE1  . GLN A 1 33 ? -1.216  11.022  7.195   1.00 1.00 ? 33 GLN A OE1  1 
ATOM 534 N NE2  . GLN A 1 33 ? -1.414  8.922   7.741   1.00 1.00 ? 33 GLN A NE2  1 
ATOM 535 H H    . GLN A 1 33 ? -0.583  5.701   4.084   1.00 0.00 ? 33 GLN A H    1 
ATOM 536 H HA   . GLN A 1 33 ? -0.281  8.341   3.200   1.00 0.00 ? 33 GLN A HA   1 
ATOM 537 H HB2  . GLN A 1 33 ? -1.490  7.837   5.357   1.00 0.00 ? 33 GLN A HB2  1 
ATOM 538 H HB3  . GLN A 1 33 ? 0.029   7.356   6.090   1.00 0.00 ? 33 GLN A HB3  1 
ATOM 539 H HG2  . GLN A 1 33 ? 0.907   9.585   5.945   1.00 0.00 ? 33 GLN A HG2  1 
ATOM 540 H HG3  . GLN A 1 33 ? -0.407  10.101  4.893   1.00 0.00 ? 33 GLN A HG3  1 
ATOM 541 H HE21 . GLN A 1 33 ? -1.220  7.983   7.548   1.00 0.00 ? 33 GLN A HE21 1 
ATOM 542 H HE22 . GLN A 1 33 ? -1.944  9.160   8.529   1.00 0.00 ? 33 GLN A HE22 1 
ATOM 543 N N    . SER A 1 34 ? 2.341   6.867   4.261   1.00 1.00 ? 34 SER A N    1 
ATOM 544 C CA   . SER A 1 34 ? 3.812   6.955   4.297   1.00 1.00 ? 34 SER A CA   1 
ATOM 545 C C    . SER A 1 34 ? 4.362   6.877   2.864   1.00 1.00 ? 34 SER A C    1 
ATOM 546 O O    . SER A 1 34 ? 5.396   7.433   2.573   1.00 1.00 ? 34 SER A O    1 
ATOM 547 C CB   . SER A 1 34 ? 4.367   5.785   5.120   1.00 1.00 ? 34 SER A CB   1 
ATOM 548 O OG   . SER A 1 34 ? 5.555   6.304   5.699   1.00 1.00 ? 34 SER A OG   1 
ATOM 549 H H    . SER A 1 34 ? 1.880   6.011   4.469   1.00 0.00 ? 34 SER A H    1 
ATOM 550 H HA   . SER A 1 34 ? 4.097   7.911   4.735   1.00 0.00 ? 34 SER A HA   1 
ATOM 551 H HB2  . SER A 1 34 ? 3.671   5.494   5.893   1.00 0.00 ? 34 SER A HB2  1 
ATOM 552 H HB3  . SER A 1 34 ? 4.599   4.952   4.487   1.00 0.00 ? 34 SER A HB3  1 
ATOM 553 H HG   . SER A 1 34 ? 6.239   6.298   5.024   1.00 0.00 ? 34 SER A HG   1 
ATOM 554 N N    . LEU A 1 35 ? 3.670   6.157   1.992   1.00 1.00 ? 35 LEU A N    1 
ATOM 555 C CA   . LEU A 1 35 ? 4.148   6.063   0.594   1.00 1.00 ? 35 LEU A CA   1 
ATOM 556 C C    . LEU A 1 35 ? 4.298   7.463   0.009   1.00 1.00 ? 35 LEU A C    1 
ATOM 557 O O    . LEU A 1 35 ? 5.351   7.830   -0.474  1.00 1.00 ? 35 LEU A O    1 
ATOM 558 C CB   . LEU A 1 35 ? 3.089   5.258   -0.224  1.00 1.00 ? 35 LEU A CB   1 
ATOM 559 C CG   . LEU A 1 35 ? 3.415   5.307   -1.737  1.00 1.00 ? 35 LEU A CG   1 
ATOM 560 C CD1  . LEU A 1 35 ? 2.910   4.025   -2.455  1.00 1.00 ? 35 LEU A CD1  1 
ATOM 561 C CD2  . LEU A 1 35 ? 2.715   6.502   -2.438  1.00 1.00 ? 35 LEU A CD2  1 
ATOM 562 H H    . LEU A 1 35 ? 2.873   5.662   2.265   1.00 0.00 ? 35 LEU A H    1 
ATOM 563 H HA   . LEU A 1 35 ? 5.115   5.566   0.581   1.00 0.00 ? 35 LEU A HA   1 
ATOM 564 H HB2  . LEU A 1 35 ? 3.112   4.240   0.117   1.00 0.00 ? 35 LEU A HB2  1 
ATOM 565 H HB3  . LEU A 1 35 ? 2.116   5.661   -0.051  1.00 0.00 ? 35 LEU A HB3  1 
ATOM 566 H HG   . LEU A 1 35 ? 4.470   5.391   -1.841  1.00 0.00 ? 35 LEU A HG   1 
ATOM 567 H HD11 . LEU A 1 35 ? 2.825   3.198   -1.770  1.00 0.00 ? 35 LEU A HD11 1 
ATOM 568 H HD12 . LEU A 1 35 ? 1.947   4.217   -2.886  1.00 0.00 ? 35 LEU A HD12 1 
ATOM 569 H HD13 . LEU A 1 35 ? 3.595   3.757   -3.244  1.00 0.00 ? 35 LEU A HD13 1 
ATOM 570 H HD21 . LEU A 1 35 ? 1.699   6.593   -2.092  1.00 0.00 ? 35 LEU A HD21 1 
ATOM 571 H HD22 . LEU A 1 35 ? 3.239   7.412   -2.247  1.00 0.00 ? 35 LEU A HD22 1 
ATOM 572 H HD23 . LEU A 1 35 ? 2.702   6.333   -3.507  1.00 0.00 ? 35 LEU A HD23 1 
ATOM 573 N N    . LYS A 1 36 ? 3.236   8.226   0.067   1.00 1.00 ? 36 LYS A N    1 
ATOM 574 C CA   . LYS A 1 36 ? 3.294   9.608   -0.484  1.00 1.00 ? 36 LYS A CA   1 
ATOM 575 C C    . LYS A 1 36 ? 4.184   10.515  0.361   1.00 1.00 ? 36 LYS A C    1 
ATOM 576 O O    . LYS A 1 36 ? 5.069   11.167  -0.158  1.00 1.00 ? 36 LYS A O    1 
ATOM 577 C CB   . LYS A 1 36 ? 1.865   10.204  -0.527  1.00 1.00 ? 36 LYS A CB   1 
ATOM 578 C CG   . LYS A 1 36 ? 1.010   9.672   0.640   1.00 1.00 ? 36 LYS A CG   1 
ATOM 579 C CD   . LYS A 1 36 ? 0.055   8.587   0.113   1.00 1.00 ? 36 LYS A CD   1 
ATOM 580 C CE   . LYS A 1 36 ? -1.106  9.255   -0.637  1.00 1.00 ? 36 LYS A CE   1 
ATOM 581 N NZ   . LYS A 1 36 ? -1.434  8.497   -1.878  1.00 1.00 ? 36 LYS A NZ   1 
ATOM 582 H H    . LYS A 1 36 ? 2.410   7.890   0.470   1.00 0.00 ? 36 LYS A H    1 
ATOM 583 H HA   . LYS A 1 36 ? 3.714   9.561   -1.487  1.00 0.00 ? 36 LYS A HA   1 
ATOM 584 H HB2  . LYS A 1 36 ? 1.926   11.281  -0.465  1.00 0.00 ? 36 LYS A HB2  1 
ATOM 585 H HB3  . LYS A 1 36 ? 1.399   9.936   -1.464  1.00 0.00 ? 36 LYS A HB3  1 
ATOM 586 H HG2  . LYS A 1 36 ? 1.641   9.262   1.411   1.00 0.00 ? 36 LYS A HG2  1 
ATOM 587 H HG3  . LYS A 1 36 ? 0.431   10.484  1.057   1.00 0.00 ? 36 LYS A HG3  1 
ATOM 588 H HD2  . LYS A 1 36 ? 0.591   7.921   -0.546  1.00 0.00 ? 36 LYS A HD2  1 
ATOM 589 H HD3  . LYS A 1 36 ? -0.337  8.016   0.935   1.00 0.00 ? 36 LYS A HD3  1 
ATOM 590 H HE2  . LYS A 1 36 ? -1.979  9.283   0.000   1.00 0.00 ? 36 LYS A HE2  1 
ATOM 591 H HE3  . LYS A 1 36 ? -0.835  10.266  -0.901  1.00 0.00 ? 36 LYS A HE3  1 
ATOM 592 H HZ1  . LYS A 1 36 ? -1.497  7.481   -1.658  1.00 0.00 ? 36 LYS A HZ1  1 
ATOM 593 H HZ2  . LYS A 1 36 ? -2.346  8.826   -2.256  1.00 0.00 ? 36 LYS A HZ2  1 
ATOM 594 H HZ3  . LYS A 1 36 ? -0.690  8.653   -2.587  1.00 0.00 ? 36 LYS A HZ3  1 
ATOM 595 N N    . ASP A 1 37 ? 3.945   10.547  1.642   1.00 1.00 ? 37 ASP A N    1 
ATOM 596 C CA   . ASP A 1 37 ? 4.785   11.417  2.508   1.00 1.00 ? 37 ASP A CA   1 
ATOM 597 C C    . ASP A 1 37 ? 6.252   11.009  2.423   1.00 1.00 ? 37 ASP A C    1 
ATOM 598 O O    . ASP A 1 37 ? 7.134   11.842  2.380   1.00 1.00 ? 37 ASP A O    1 
ATOM 599 C CB   . ASP A 1 37 ? 4.318   11.258  3.958   1.00 1.00 ? 37 ASP A CB   1 
ATOM 600 C CG   . ASP A 1 37 ? 5.015   12.307  4.824   1.00 1.00 ? 37 ASP A CG   1 
ATOM 601 O OD1  . ASP A 1 37 ? 6.227   12.203  4.929   1.00 1.00 ? 37 ASP A OD1  1 
ATOM 602 O OD2  . ASP A 1 37 ? 4.299   13.154  5.332   1.00 1.00 ? 37 ASP A OD2  1 
ATOM 603 H H    . ASP A 1 37 ? 3.220   10.005  2.031   1.00 0.00 ? 37 ASP A H    1 
ATOM 604 H HA   . ASP A 1 37 ? 4.685   12.449  2.180   1.00 0.00 ? 37 ASP A HA   1 
ATOM 605 H HB2  . ASP A 1 37 ? 3.248   11.398  4.016   1.00 0.00 ? 37 ASP A HB2  1 
ATOM 606 H HB3  . ASP A 1 37 ? 4.570   10.271  4.319   1.00 0.00 ? 37 ASP A HB3  1 
ATOM 607 N N    . ASP A 1 38 ? 6.472   9.729   2.397   1.00 1.00 ? 38 ASP A N    1 
ATOM 608 C CA   . ASP A 1 38 ? 7.862   9.211   2.316   1.00 1.00 ? 38 ASP A CA   1 
ATOM 609 C C    . ASP A 1 38 ? 7.917   7.994   1.371   1.00 1.00 ? 38 ASP A C    1 
ATOM 610 O O    . ASP A 1 38 ? 7.834   6.867   1.816   1.00 1.00 ? 38 ASP A O    1 
ATOM 611 C CB   . ASP A 1 38 ? 8.280   8.757   3.727   1.00 1.00 ? 38 ASP A CB   1 
ATOM 612 C CG   . ASP A 1 38 ? 9.110   9.863   4.386   1.00 1.00 ? 38 ASP A CG   1 
ATOM 613 O OD1  . ASP A 1 38 ? 8.708   11.006  4.237   1.00 1.00 ? 38 ASP A OD1  1 
ATOM 614 O OD2  . ASP A 1 38 ? 10.100  9.499   5.002   1.00 1.00 ? 38 ASP A OD2  1 
ATOM 615 H H    . ASP A 1 38 ? 5.721   9.108   2.426   1.00 0.00 ? 38 ASP A H    1 
ATOM 616 H HA   . ASP A 1 38 ? 8.519   9.995   1.959   1.00 0.00 ? 38 ASP A HA   1 
ATOM 617 H HB2  . ASP A 1 38 ? 7.402   8.564   4.326   1.00 0.00 ? 38 ASP A HB2  1 
ATOM 618 H HB3  . ASP A 1 38 ? 8.874   7.857   3.663   1.00 0.00 ? 38 ASP A HB3  1 
ATOM 619 N N    . PRO A 1 39 ? 8.019   8.251   0.072   1.00 1.00 ? 39 PRO A N    1 
ATOM 620 C CA   . PRO A 1 39 ? 8.078   7.171   -0.925  1.00 1.00 ? 39 PRO A CA   1 
ATOM 621 C C    . PRO A 1 39 ? 9.402   6.387   -0.856  1.00 1.00 ? 39 PRO A C    1 
ATOM 622 O O    . PRO A 1 39 ? 9.990   6.054   -1.863  1.00 1.00 ? 39 PRO A O    1 
ATOM 623 C CB   . PRO A 1 39 ? 7.945   7.897   -2.290  1.00 1.00 ? 39 PRO A CB   1 
ATOM 624 C CG   . PRO A 1 39 ? 7.875   9.424   -2.002  1.00 1.00 ? 39 PRO A CG   1 
ATOM 625 C CD   . PRO A 1 39 ? 8.035   9.613   -0.488  1.00 1.00 ? 39 PRO A CD   1 
ATOM 626 H HA   . PRO A 1 39 ? 7.248   6.491   -0.769  1.00 0.00 ? 39 PRO A HA   1 
ATOM 627 H HB2  . PRO A 1 39 ? 8.795   7.684   -2.916  1.00 0.00 ? 39 PRO A HB2  1 
ATOM 628 H HB3  . PRO A 1 39 ? 7.043   7.577   -2.788  1.00 0.00 ? 39 PRO A HB3  1 
ATOM 629 H HG2  . PRO A 1 39 ? 8.672   9.935   -2.524  1.00 0.00 ? 39 PRO A HG2  1 
ATOM 630 H HG3  . PRO A 1 39 ? 6.922   9.817   -2.323  1.00 0.00 ? 39 PRO A HG3  1 
ATOM 631 H HD2  . PRO A 1 39 ? 8.979   10.094  -0.274  1.00 0.00 ? 39 PRO A HD2  1 
ATOM 632 H HD3  . PRO A 1 39 ? 7.218   10.193  -0.086  1.00 0.00 ? 39 PRO A HD3  1 
ATOM 633 N N    . SER A 1 40 ? 9.845   6.107   0.337   1.00 1.00 ? 40 SER A N    1 
ATOM 634 C CA   . SER A 1 40 ? 11.111  5.352   0.481   1.00 1.00 ? 40 SER A CA   1 
ATOM 635 C C    . SER A 1 40 ? 10.840  3.849   0.542   1.00 1.00 ? 40 SER A C    1 
ATOM 636 O O    . SER A 1 40 ? 11.326  3.095   -0.280  1.00 1.00 ? 40 SER A O    1 
ATOM 637 C CB   . SER A 1 40 ? 11.786  5.784   1.788   1.00 1.00 ? 40 SER A CB   1 
ATOM 638 O OG   . SER A 1 40 ? 10.903  5.327   2.801   1.00 1.00 ? 40 SER A OG   1 
ATOM 639 H H    . SER A 1 40 ? 9.352   6.392   1.126   1.00 0.00 ? 40 SER A H    1 
ATOM 640 H HA   . SER A 1 40 ? 11.751  5.562   -0.373  1.00 0.00 ? 40 SER A HA   1 
ATOM 641 H HB2  . SER A 1 40 ? 12.751  5.314   1.896   1.00 0.00 ? 40 SER A HB2  1 
ATOM 642 H HB3  . SER A 1 40 ? 11.881  6.859   1.832   1.00 0.00 ? 40 SER A HB3  1 
ATOM 643 H HG   . SER A 1 40 ? 11.135  4.420   3.012   1.00 0.00 ? 40 SER A HG   1 
ATOM 644 N N    . GLN A 1 41 ? 10.058  3.450   1.517   1.00 1.00 ? 41 GLN A N    1 
ATOM 645 C CA   . GLN A 1 41 ? 9.728   2.003   1.669   1.00 1.00 ? 41 GLN A CA   1 
ATOM 646 C C    . GLN A 1 41 ? 8.270   1.728   1.289   1.00 1.00 ? 41 GLN A C    1 
ATOM 647 O O    . GLN A 1 41 ? 7.658   0.792   1.775   1.00 1.00 ? 41 GLN A O    1 
ATOM 648 C CB   . GLN A 1 41 ? 9.941   1.628   3.143   1.00 1.00 ? 41 GLN A CB   1 
ATOM 649 C CG   . GLN A 1 41 ? 11.425  1.760   3.485   1.00 1.00 ? 41 GLN A CG   1 
ATOM 650 C CD   . GLN A 1 41 ? 11.578  2.472   4.831   1.00 1.00 ? 41 GLN A CD   1 
ATOM 651 O OE1  . GLN A 1 41 ? 11.750  3.673   4.894   1.00 1.00 ? 41 GLN A OE1  1 
ATOM 652 N NE2  . GLN A 1 41 ? 11.520  1.770   5.931   1.00 1.00 ? 41 GLN A NE2  1 
ATOM 653 H H    . GLN A 1 41 ? 9.691   4.103   2.148   1.00 0.00 ? 41 GLN A H    1 
ATOM 654 H HA   . GLN A 1 41 ? 10.378  1.417   1.024   1.00 0.00 ? 41 GLN A HA   1 
ATOM 655 H HB2  . GLN A 1 41 ? 9.363   2.287   3.773   1.00 0.00 ? 41 GLN A HB2  1 
ATOM 656 H HB3  . GLN A 1 41 ? 9.626   0.617   3.308   1.00 0.00 ? 41 GLN A HB3  1 
ATOM 657 H HG2  . GLN A 1 41 ? 11.873  0.778   3.548   1.00 0.00 ? 41 GLN A HG2  1 
ATOM 658 H HG3  . GLN A 1 41 ? 11.926  2.335   2.719   1.00 0.00 ? 41 GLN A HG3  1 
ATOM 659 H HE21 . GLN A 1 41 ? 11.381  0.799   5.886   1.00 0.00 ? 41 GLN A HE21 1 
ATOM 660 H HE22 . GLN A 1 41 ? 11.616  2.212   6.800   1.00 0.00 ? 41 GLN A HE22 1 
ATOM 661 N N    . SER A 1 42 ? 7.747   2.552   0.425   1.00 1.00 ? 42 SER A N    1 
ATOM 662 C CA   . SER A 1 42 ? 6.337   2.371   -0.012  1.00 1.00 ? 42 SER A CA   1 
ATOM 663 C C    . SER A 1 42 ? 6.042   0.922   -0.375  1.00 1.00 ? 42 SER A C    1 
ATOM 664 O O    . SER A 1 42 ? 4.968   0.413   -0.122  1.00 1.00 ? 42 SER A O    1 
ATOM 665 C CB   . SER A 1 42 ? 6.130   3.197   -1.263  1.00 1.00 ? 42 SER A CB   1 
ATOM 666 O OG   . SER A 1 42 ? 7.014   2.606   -2.200  1.00 1.00 ? 42 SER A OG   1 
ATOM 667 H H    . SER A 1 42 ? 8.281   3.289   0.062   1.00 0.00 ? 42 SER A H    1 
ATOM 668 H HA   . SER A 1 42 ? 5.669   2.698   0.777   1.00 0.00 ? 42 SER A HA   1 
ATOM 669 H HB2  . SER A 1 42 ? 5.127   3.108   -1.604  1.00 0.00 ? 42 SER A HB2  1 
ATOM 670 H HB3  . SER A 1 42 ? 6.383   4.232   -1.091  1.00 0.00 ? 42 SER A HB3  1 
ATOM 671 H HG   . SER A 1 42 ? 6.747   2.884   -3.077  1.00 0.00 ? 42 SER A HG   1 
ATOM 672 N N    . ALA A 1 43 ? 7.003   0.293   -0.984  1.00 1.00 ? 43 ALA A N    1 
ATOM 673 C CA   . ALA A 1 43 ? 6.821   -1.122  -1.386  1.00 1.00 ? 43 ALA A CA   1 
ATOM 674 C C    . ALA A 1 43 ? 6.557   -2.018  -0.180  1.00 1.00 ? 43 ALA A C    1 
ATOM 675 O O    . ALA A 1 43 ? 5.594   -2.771  -0.145  1.00 1.00 ? 43 ALA A O    1 
ATOM 676 C CB   . ALA A 1 43 ? 8.121   -1.576  -2.058  1.00 1.00 ? 43 ALA A CB   1 
ATOM 677 H H    . ALA A 1 43 ? 7.846   0.754   -1.175  1.00 0.00 ? 43 ALA A H    1 
ATOM 678 H HA   . ALA A 1 43 ? 5.984   -1.193  -2.076  1.00 0.00 ? 43 ALA A HA   1 
ATOM 679 H HB1  . ALA A 1 43 ? 8.722   -0.707  -2.307  1.00 0.00 ? 43 ALA A HB1  1 
ATOM 680 H HB2  . ALA A 1 43 ? 8.676   -2.208  -1.386  1.00 0.00 ? 43 ALA A HB2  1 
ATOM 681 H HB3  . ALA A 1 43 ? 7.893   -2.121  -2.957  1.00 0.00 ? 43 ALA A HB3  1 
ATOM 682 N N    . ASN A 1 44 ? 7.413   -1.918  0.786   1.00 1.00 ? 44 ASN A N    1 
ATOM 683 C CA   . ASN A 1 44 ? 7.250   -2.747  1.998   1.00 1.00 ? 44 ASN A CA   1 
ATOM 684 C C    . ASN A 1 44 ? 5.851   -2.607  2.605   1.00 1.00 ? 44 ASN A C    1 
ATOM 685 O O    . ASN A 1 44 ? 5.217   -3.598  2.922   1.00 1.00 ? 44 ASN A O    1 
ATOM 686 C CB   . ASN A 1 44 ? 8.294   -2.294  3.015   1.00 1.00 ? 44 ASN A CB   1 
ATOM 687 C CG   . ASN A 1 44 ? 7.976   -2.906  4.380   1.00 1.00 ? 44 ASN A CG   1 
ATOM 688 O OD1  . ASN A 1 44 ? 7.229   -3.858  4.486   1.00 1.00 ? 44 ASN A OD1  1 
ATOM 689 N ND2  . ASN A 1 44 ? 8.522   -2.390  5.448   1.00 1.00 ? 44 ASN A ND2  1 
ATOM 690 H H    . ASN A 1 44 ? 8.163   -1.292  0.716   1.00 0.00 ? 44 ASN A H    1 
ATOM 691 H HA   . ASN A 1 44 ? 7.409   -3.787  1.728   1.00 0.00 ? 44 ASN A HA   1 
ATOM 692 H HB2  . ASN A 1 44 ? 9.276   -2.617  2.697   1.00 0.00 ? 44 ASN A HB2  1 
ATOM 693 H HB3  . ASN A 1 44 ? 8.278   -1.223  3.093   1.00 0.00 ? 44 ASN A HB3  1 
ATOM 694 H HD21 . ASN A 1 44 ? 9.124   -1.622  5.367   1.00 0.00 ? 44 ASN A HD21 1 
ATOM 695 H HD22 . ASN A 1 44 ? 8.329   -2.772  6.330   1.00 0.00 ? 44 ASN A HD22 1 
ATOM 696 N N    . LEU A 1 45 ? 5.377   -1.392  2.759   1.00 1.00 ? 45 LEU A N    1 
ATOM 697 C CA   . LEU A 1 45 ? 4.029   -1.247  3.347   1.00 1.00 ? 45 LEU A CA   1 
ATOM 698 C C    . LEU A 1 45 ? 3.051   -2.039  2.520   1.00 1.00 ? 45 LEU A C    1 
ATOM 699 O O    . LEU A 1 45 ? 2.192   -2.723  3.039   1.00 1.00 ? 45 LEU A O    1 
ATOM 700 C CB   . LEU A 1 45 ? 3.576   0.218   3.313   1.00 1.00 ? 45 LEU A CB   1 
ATOM 701 C CG   . LEU A 1 45 ? 4.742   1.155   3.092   1.00 1.00 ? 45 LEU A CG   1 
ATOM 702 C CD1  . LEU A 1 45 ? 4.230   2.589   3.159   1.00 1.00 ? 45 LEU A CD1  1 
ATOM 703 C CD2  . LEU A 1 45 ? 5.788   0.961   4.187   1.00 1.00 ? 45 LEU A CD2  1 
ATOM 704 H H    . LEU A 1 45 ? 5.889   -0.608  2.479   1.00 0.00 ? 45 LEU A H    1 
ATOM 705 H HA   . LEU A 1 45 ? 4.029   -1.638  4.363   1.00 0.00 ? 45 LEU A HA   1 
ATOM 706 H HB2  . LEU A 1 45 ? 2.875   0.346   2.515   1.00 0.00 ? 45 LEU A HB2  1 
ATOM 707 H HB3  . LEU A 1 45 ? 3.104   0.460   4.250   1.00 0.00 ? 45 LEU A HB3  1 
ATOM 708 H HG   . LEU A 1 45 ? 5.161   0.970   2.131   1.00 0.00 ? 45 LEU A HG   1 
ATOM 709 H HD11 . LEU A 1 45 ? 3.435   2.733   2.439   1.00 0.00 ? 45 LEU A HD11 1 
ATOM 710 H HD12 . LEU A 1 45 ? 3.850   2.784   4.147   1.00 0.00 ? 45 LEU A HD12 1 
ATOM 711 H HD13 . LEU A 1 45 ? 5.035   3.275   2.944   1.00 0.00 ? 45 LEU A HD13 1 
ATOM 712 H HD21 . LEU A 1 45 ? 5.334   0.483   5.040   1.00 0.00 ? 45 LEU A HD21 1 
ATOM 713 H HD22 . LEU A 1 45 ? 6.595   0.352   3.822   1.00 0.00 ? 45 LEU A HD22 1 
ATOM 714 H HD23 . LEU A 1 45 ? 6.179   1.924   4.487   1.00 0.00 ? 45 LEU A HD23 1 
ATOM 715 N N    . LEU A 1 46 ? 3.203   -1.933  1.229   1.00 1.00 ? 46 LEU A N    1 
ATOM 716 C CA   . LEU A 1 46 ? 2.296   -2.666  0.340   1.00 1.00 ? 46 LEU A CA   1 
ATOM 717 C C    . LEU A 1 46 ? 2.179   -4.105  0.806   1.00 1.00 ? 46 LEU A C    1 
ATOM 718 O O    . LEU A 1 46 ? 1.100   -4.639  0.870   1.00 1.00 ? 46 LEU A O    1 
ATOM 719 C CB   . LEU A 1 46 ? 2.837   -2.532  -1.136  1.00 1.00 ? 46 LEU A CB   1 
ATOM 720 C CG   . LEU A 1 46 ? 3.320   -3.873  -1.752  1.00 1.00 ? 46 LEU A CG   1 
ATOM 721 C CD1  . LEU A 1 46 ? 2.117   -4.659  -2.293  1.00 1.00 ? 46 LEU A CD1  1 
ATOM 722 C CD2  . LEU A 1 46 ? 4.253   -3.558  -2.923  1.00 1.00 ? 46 LEU A CD2  1 
ATOM 723 H H    . LEU A 1 46 ? 3.915   -1.370  0.856   1.00 0.00 ? 46 LEU A H    1 
ATOM 724 H HA   . LEU A 1 46 ? 1.314   -2.214  0.425   1.00 0.00 ? 46 LEU A HA   1 
ATOM 725 H HB2  . LEU A 1 46 ? 2.050   -2.131  -1.758  1.00 0.00 ? 46 LEU A HB2  1 
ATOM 726 H HB3  . LEU A 1 46 ? 3.659   -1.832  -1.138  1.00 0.00 ? 46 LEU A HB3  1 
ATOM 727 H HG   . LEU A 1 46 ? 3.858   -4.458  -1.038  1.00 0.00 ? 46 LEU A HG   1 
ATOM 728 H HD11 . LEU A 1 46 ? 1.390   -4.810  -1.516  1.00 0.00 ? 46 LEU A HD11 1 
ATOM 729 H HD12 . LEU A 1 46 ? 1.659   -4.109  -3.098  1.00 0.00 ? 46 LEU A HD12 1 
ATOM 730 H HD13 . LEU A 1 46 ? 2.445   -5.616  -2.663  1.00 0.00 ? 46 LEU A HD13 1 
ATOM 731 H HD21 . LEU A 1 46 ? 4.031   -2.578  -3.317  1.00 0.00 ? 46 LEU A HD21 1 
ATOM 732 H HD22 . LEU A 1 46 ? 5.281   -3.580  -2.586  1.00 0.00 ? 46 LEU A HD22 1 
ATOM 733 H HD23 . LEU A 1 46 ? 4.119   -4.292  -3.703  1.00 0.00 ? 46 LEU A HD23 1 
ATOM 734 N N    . ALA A 1 47 ? 3.278   -4.698  1.159   1.00 1.00 ? 47 ALA A N    1 
ATOM 735 C CA   . ALA A 1 47 ? 3.206   -6.099  1.626   1.00 1.00 ? 47 ALA A CA   1 
ATOM 736 C C    . ALA A 1 47 ? 2.308   -6.183  2.856   1.00 1.00 ? 47 ALA A C    1 
ATOM 737 O O    . ALA A 1 47 ? 1.474   -7.067  2.973   1.00 1.00 ? 47 ALA A O    1 
ATOM 738 C CB   . ALA A 1 47 ? 4.623   -6.559  2.003   1.00 1.00 ? 47 ALA A CB   1 
ATOM 739 H H    . ALA A 1 47 ? 4.144   -4.227  1.102   1.00 0.00 ? 47 ALA A H    1 
ATOM 740 H HA   . ALA A 1 47 ? 2.789   -6.720  0.834   1.00 0.00 ? 47 ALA A HA   1 
ATOM 741 H HB1  . ALA A 1 47 ? 5.347   -5.846  1.636   1.00 0.00 ? 47 ALA A HB1  1 
ATOM 742 H HB2  . ALA A 1 47 ? 4.709   -6.632  3.078   1.00 0.00 ? 47 ALA A HB2  1 
ATOM 743 H HB3  . ALA A 1 47 ? 4.821   -7.527  1.564   1.00 0.00 ? 47 ALA A HB3  1 
ATOM 744 N N    . GLU A 1 48 ? 2.482   -5.238  3.739   1.00 1.00 ? 48 GLU A N    1 
ATOM 745 C CA   . GLU A 1 48 ? 1.664   -5.226  4.976   1.00 1.00 ? 48 GLU A CA   1 
ATOM 746 C C    . GLU A 1 48 ? 0.175   -5.087  4.663   1.00 1.00 ? 48 GLU A C    1 
ATOM 747 O O    . GLU A 1 48 ? -0.656  -5.587  5.393   1.00 1.00 ? 48 GLU A O    1 
ATOM 748 C CB   . GLU A 1 48 ? 2.101   -4.023  5.831   1.00 1.00 ? 48 GLU A CB   1 
ATOM 749 C CG   . GLU A 1 48 ? 2.201   -4.449  7.299   1.00 1.00 ? 48 GLU A CG   1 
ATOM 750 C CD   . GLU A 1 48 ? 3.539   -5.157  7.530   1.00 1.00 ? 48 GLU A CD   1 
ATOM 751 O OE1  . GLU A 1 48 ? 3.764   -6.134  6.834   1.00 1.00 ? 48 GLU A OE1  1 
ATOM 752 O OE2  . GLU A 1 48 ? 4.261   -4.681  8.390   1.00 1.00 ? 48 GLU A OE2  1 
ATOM 753 H H    . GLU A 1 48 ? 3.158   -4.538  3.585   1.00 0.00 ? 48 GLU A H    1 
ATOM 754 H HA   . GLU A 1 48 ? 1.823   -6.158  5.509   1.00 0.00 ? 48 GLU A HA   1 
ATOM 755 H HB2  . GLU A 1 48 ? 3.064   -3.670  5.490   1.00 0.00 ? 48 GLU A HB2  1 
ATOM 756 H HB3  . GLU A 1 48 ? 1.379   -3.227  5.733   1.00 0.00 ? 48 GLU A HB3  1 
ATOM 757 H HG2  . GLU A 1 48 ? 2.145   -3.579  7.935   1.00 0.00 ? 48 GLU A HG2  1 
ATOM 758 H HG3  . GLU A 1 48 ? 1.392   -5.123  7.544   1.00 0.00 ? 48 GLU A HG3  1 
ATOM 759 N N    . ALA A 1 49 ? -0.142  -4.412  3.588   1.00 1.00 ? 49 ALA A N    1 
ATOM 760 C CA   . ALA A 1 49 ? -1.581  -4.251  3.242   1.00 1.00 ? 49 ALA A CA   1 
ATOM 761 C C    . ALA A 1 49 ? -2.182  -5.550  2.770   1.00 1.00 ? 49 ALA A C    1 
ATOM 762 O O    . ALA A 1 49 ? -3.059  -6.094  3.412   1.00 1.00 ? 49 ALA A O    1 
ATOM 763 C CB   . ALA A 1 49 ? -1.729  -3.242  2.107   1.00 1.00 ? 49 ALA A CB   1 
ATOM 764 H H    . ALA A 1 49 ? 0.555   -4.021  3.019   1.00 0.00 ? 49 ALA A H    1 
ATOM 765 H HA   . ALA A 1 49 ? -2.116  -3.918  4.125   1.00 0.00 ? 49 ALA A HA   1 
ATOM 766 H HB1  . ALA A 1 49 ? -1.239  -2.324  2.367   1.00 0.00 ? 49 ALA A HB1  1 
ATOM 767 H HB2  . ALA A 1 49 ? -1.289  -3.641  1.213   1.00 0.00 ? 49 ALA A HB2  1 
ATOM 768 H HB3  . ALA A 1 49 ? -2.781  -3.053  1.927   1.00 0.00 ? 49 ALA A HB3  1 
ATOM 769 N N    . LYS A 1 50 ? -1.711  -6.022  1.634   1.00 1.00 ? 50 LYS A N    1 
ATOM 770 C CA   . LYS A 1 50 ? -2.250  -7.297  1.098   1.00 1.00 ? 50 LYS A CA   1 
ATOM 771 C C    . LYS A 1 50 ? -2.425  -8.280  2.240   1.00 1.00 ? 50 LYS A C    1 
ATOM 772 O O    . LYS A 1 50 ? -3.289  -9.137  2.203   1.00 1.00 ? 50 LYS A O    1 
ATOM 773 C CB   . LYS A 1 50 ? -1.276  -7.895  0.042   1.00 1.00 ? 50 LYS A CB   1 
ATOM 774 C CG   . LYS A 1 50 ? -0.708  -6.786  -0.883  1.00 1.00 ? 50 LYS A CG   1 
ATOM 775 C CD   . LYS A 1 50 ? -1.814  -6.210  -1.790  1.00 1.00 ? 50 LYS A CD   1 
ATOM 776 C CE   . LYS A 1 50 ? -1.876  -4.671  -1.642  1.00 1.00 ? 50 LYS A CE   1 
ATOM 777 N NZ   . LYS A 1 50 ? -2.657  -4.080  -2.764  1.00 1.00 ? 50 LYS A NZ   1 
ATOM 778 H H    . LYS A 1 50 ? -1.013  -5.535  1.157   1.00 0.00 ? 50 LYS A H    1 
ATOM 779 H HA   . LYS A 1 50 ? -3.228  -7.104  0.664   1.00 0.00 ? 50 LYS A HA   1 
ATOM 780 H HB2  . LYS A 1 50 ? -0.461  -8.391  0.549   1.00 0.00 ? 50 LYS A HB2  1 
ATOM 781 H HB3  . LYS A 1 50 ? -1.804  -8.623  -0.558  1.00 0.00 ? 50 LYS A HB3  1 
ATOM 782 H HG2  . LYS A 1 50 ? -0.287  -6.012  -0.294  1.00 0.00 ? 50 LYS A HG2  1 
ATOM 783 H HG3  . LYS A 1 50 ? 0.072   -7.209  -1.501  1.00 0.00 ? 50 LYS A HG3  1 
ATOM 784 H HD2  . LYS A 1 50 ? -1.600  -6.459  -2.820  1.00 0.00 ? 50 LYS A HD2  1 
ATOM 785 H HD3  . LYS A 1 50 ? -2.764  -6.635  -1.521  1.00 0.00 ? 50 LYS A HD3  1 
ATOM 786 H HE2  . LYS A 1 50 ? -2.354  -4.415  -0.708  1.00 0.00 ? 50 LYS A HE2  1 
ATOM 787 H HE3  . LYS A 1 50 ? -0.876  -4.249  -1.654  1.00 0.00 ? 50 LYS A HE3  1 
ATOM 788 H HZ1  . LYS A 1 50 ? -2.848  -4.813  -3.478  1.00 0.00 ? 50 LYS A HZ1  1 
ATOM 789 H HZ2  . LYS A 1 50 ? -3.557  -3.705  -2.402  1.00 0.00 ? 50 LYS A HZ2  1 
ATOM 790 H HZ3  . LYS A 1 50 ? -2.109  -3.309  -3.198  1.00 0.00 ? 50 LYS A HZ3  1 
ATOM 791 N N    . LYS A 1 51 ? -1.597  -8.140  3.243   1.00 1.00 ? 51 LYS A N    1 
ATOM 792 C CA   . LYS A 1 51 ? -1.715  -9.050  4.402   1.00 1.00 ? 51 LYS A CA   1 
ATOM 793 C C    . LYS A 1 51 ? -2.956  -8.675  5.207   1.00 1.00 ? 51 LYS A C    1 
ATOM 794 O O    . LYS A 1 51 ? -3.753  -9.525  5.563   1.00 1.00 ? 51 LYS A O    1 
ATOM 795 C CB   . LYS A 1 51 ? -0.473  -8.886  5.291   1.00 1.00 ? 51 LYS A CB   1 
ATOM 796 C CG   . LYS A 1 51 ? -0.073  -10.254 5.843   1.00 1.00 ? 51 LYS A CG   1 
ATOM 797 C CD   . LYS A 1 51 ? 1.079   -10.081 6.840   1.00 1.00 ? 51 LYS A CD   1 
ATOM 798 C CE   . LYS A 1 51 ? 2.298   -9.496  6.119   1.00 1.00 ? 51 LYS A CE   1 
ATOM 799 N NZ   . LYS A 1 51 ? 3.551   -9.921  6.800   1.00 1.00 ? 51 LYS A NZ   1 
ATOM 800 H H    . LYS A 1 51 ? -0.890  -7.452  3.217   1.00 0.00 ? 51 LYS A H    1 
ATOM 801 H HA   . LYS A 1 51 ? -1.815  -10.073 4.045   1.00 0.00 ? 51 LYS A HA   1 
ATOM 802 H HB2  . LYS A 1 51 ? 0.338   -8.475  4.708   1.00 0.00 ? 51 LYS A HB2  1 
ATOM 803 H HB3  . LYS A 1 51 ? -0.698  -8.216  6.107   1.00 0.00 ? 51 LYS A HB3  1 
ATOM 804 H HG2  . LYS A 1 51 ? -0.919  -10.702 6.344   1.00 0.00 ? 51 LYS A HG2  1 
ATOM 805 H HG3  . LYS A 1 51 ? 0.238   -10.897 5.033   1.00 0.00 ? 51 LYS A HG3  1 
ATOM 806 H HD2  . LYS A 1 51 ? 0.774   -9.412  7.633   1.00 0.00 ? 51 LYS A HD2  1 
ATOM 807 H HD3  . LYS A 1 51 ? 1.335   -11.038 7.266   1.00 0.00 ? 51 LYS A HD3  1 
ATOM 808 H HE2  . LYS A 1 51 ? 2.317   -9.844  5.096   1.00 0.00 ? 51 LYS A HE2  1 
ATOM 809 H HE3  . LYS A 1 51 ? 2.240   -8.418  6.125   1.00 0.00 ? 51 LYS A HE3  1 
ATOM 810 H HZ1  . LYS A 1 51 ? 3.347   -10.717 7.439   1.00 0.00 ? 51 LYS A HZ1  1 
ATOM 811 H HZ2  . LYS A 1 51 ? 4.249   -10.218 6.088   1.00 0.00 ? 51 LYS A HZ2  1 
ATOM 812 H HZ3  . LYS A 1 51 ? 3.933   -9.125  7.351   1.00 0.00 ? 51 LYS A HZ3  1 
ATOM 813 N N    . LEU A 1 52 ? -3.102  -7.396  5.475   1.00 1.00 ? 52 LEU A N    1 
ATOM 814 C CA   . LEU A 1 52 ? -4.284  -6.945  6.246   1.00 1.00 ? 52 LEU A CA   1 
ATOM 815 C C    . LEU A 1 52 ? -5.554  -7.245  5.444   1.00 1.00 ? 52 LEU A C    1 
ATOM 816 O O    . LEU A 1 52 ? -6.627  -7.376  6.000   1.00 1.00 ? 52 LEU A O    1 
ATOM 817 C CB   . LEU A 1 52 ? -4.128  -5.400  6.548   1.00 1.00 ? 52 LEU A CB   1 
ATOM 818 C CG   . LEU A 1 52 ? -5.399  -4.579  6.137   1.00 1.00 ? 52 LEU A CG   1 
ATOM 819 C CD1  . LEU A 1 52 ? -5.405  -3.220  6.856   1.00 1.00 ? 52 LEU A CD1  1 
ATOM 820 C CD2  . LEU A 1 52 ? -5.409  -4.309  4.611   1.00 1.00 ? 52 LEU A CD2  1 
ATOM 821 H H    . LEU A 1 52 ? -2.434  -6.746  5.168   1.00 0.00 ? 52 LEU A H    1 
ATOM 822 H HA   . LEU A 1 52 ? -4.322  -7.516  7.176   1.00 0.00 ? 52 LEU A HA   1 
ATOM 823 H HB2  . LEU A 1 52 ? -3.959  -5.272  7.606   1.00 0.00 ? 52 LEU A HB2  1 
ATOM 824 H HB3  . LEU A 1 52 ? -3.265  -5.024  6.024   1.00 0.00 ? 52 LEU A HB3  1 
ATOM 825 H HG   . LEU A 1 52 ? -6.284  -5.112  6.426   1.00 0.00 ? 52 LEU A HG   1 
ATOM 826 H HD11 . LEU A 1 52 ? -5.248  -3.357  7.913   1.00 0.00 ? 52 LEU A HD11 1 
ATOM 827 H HD12 . LEU A 1 52 ? -4.631  -2.594  6.462   1.00 0.00 ? 52 LEU A HD12 1 
ATOM 828 H HD13 . LEU A 1 52 ? -6.361  -2.734  6.701   1.00 0.00 ? 52 LEU A HD13 1 
ATOM 829 H HD21 . LEU A 1 52 ? -4.410  -4.308  4.218   1.00 0.00 ? 52 LEU A HD21 1 
ATOM 830 H HD22 . LEU A 1 52 ? -5.982  -5.064  4.109   1.00 0.00 ? 52 LEU A HD22 1 
ATOM 831 H HD23 . LEU A 1 52 ? -5.860  -3.343  4.421   1.00 0.00 ? 52 LEU A HD23 1 
ATOM 832 N N    . ASN A 1 53 ? -5.404  -7.367  4.150   1.00 1.00 ? 53 ASN A N    1 
ATOM 833 C CA   . ASN A 1 53 ? -6.583  -7.657  3.306   1.00 1.00 ? 53 ASN A CA   1 
ATOM 834 C C    . ASN A 1 53 ? -6.875  -9.148  3.283   1.00 1.00 ? 53 ASN A C    1 
ATOM 835 O O    . ASN A 1 53 ? -7.907  -9.581  3.747   1.00 1.00 ? 53 ASN A O    1 
ATOM 836 C CB   . ASN A 1 53 ? -6.274  -7.196  1.880   1.00 1.00 ? 53 ASN A CB   1 
ATOM 837 C CG   . ASN A 1 53 ? -7.556  -7.242  1.042   1.00 1.00 ? 53 ASN A CG   1 
ATOM 838 O OD1  . ASN A 1 53 ? -8.603  -6.795  1.468   1.00 1.00 ? 53 ASN A OD1  1 
ATOM 839 N ND2  . ASN A 1 53 ? -7.524  -7.778  -0.150  1.00 1.00 ? 53 ASN A ND2  1 
ATOM 840 H H    . ASN A 1 53 ? -4.521  -7.261  3.739   1.00 0.00 ? 53 ASN A H    1 
ATOM 841 H HA   . ASN A 1 53 ? -7.450  -7.129  3.705   1.00 0.00 ? 53 ASN A HA   1 
ATOM 842 H HB2  . ASN A 1 53 ? -5.893  -6.187  1.898   1.00 0.00 ? 53 ASN A HB2  1 
ATOM 843 H HB3  . ASN A 1 53 ? -5.535  -7.847  1.444   1.00 0.00 ? 53 ASN A HB3  1 
ATOM 844 H HD21 . ASN A 1 53 ? -6.685  -8.149  -0.499  1.00 0.00 ? 53 ASN A HD21 1 
ATOM 845 H HD22 . ASN A 1 53 ? -8.343  -7.801  -0.702  1.00 0.00 ? 53 ASN A HD22 1 
ATOM 846 N N    . ASP A 1 54 ? -5.945  -9.904  2.752   1.00 1.00 ? 54 ASP A N    1 
ATOM 847 C CA   . ASP A 1 54 ? -6.142  -11.377 2.682   1.00 1.00 ? 54 ASP A CA   1 
ATOM 848 C C    . ASP A 1 54 ? -6.795  -11.906 3.951   1.00 1.00 ? 54 ASP A C    1 
ATOM 849 O O    . ASP A 1 54 ? -7.597  -12.815 3.903   1.00 1.00 ? 54 ASP A O    1 
ATOM 850 C CB   . ASP A 1 54 ? -4.766  -12.041 2.526   1.00 1.00 ? 54 ASP A CB   1 
ATOM 851 C CG   . ASP A 1 54 ? -4.328  -11.963 1.063   1.00 1.00 ? 54 ASP A CG   1 
ATOM 852 O OD1  . ASP A 1 54 ? -4.975  -11.221 0.342   1.00 1.00 ? 54 ASP A OD1  1 
ATOM 853 O OD2  . ASP A 1 54 ? -3.370  -12.649 0.747   1.00 1.00 ? 54 ASP A OD2  1 
ATOM 854 H H    . ASP A 1 54 ? -5.124  -9.502  2.408   1.00 0.00 ? 54 ASP A H    1 
ATOM 855 H HA   . ASP A 1 54 ? -6.781  -11.608 1.833   1.00 0.00 ? 54 ASP A HA   1 
ATOM 856 H HB2  . ASP A 1 54 ? -4.042  -11.530 3.144   1.00 0.00 ? 54 ASP A HB2  1 
ATOM 857 H HB3  . ASP A 1 54 ? -4.825  -13.076 2.826   1.00 0.00 ? 54 ASP A HB3  1 
ATOM 858 N N    . ALA A 1 55 ? -6.443  -11.327 5.065   1.00 1.00 ? 55 ALA A N    1 
ATOM 859 C CA   . ALA A 1 55 ? -7.042  -11.794 6.338   1.00 1.00 ? 55 ALA A CA   1 
ATOM 860 C C    . ALA A 1 55 ? -8.488  -11.328 6.469   1.00 1.00 ? 55 ALA A C    1 
ATOM 861 O O    . ALA A 1 55 ? -9.383  -12.125 6.674   1.00 1.00 ? 55 ALA A O    1 
ATOM 862 C CB   . ALA A 1 55 ? -6.230  -11.209 7.503   1.00 1.00 ? 55 ALA A CB   1 
ATOM 863 H H    . ALA A 1 55 ? -5.785  -10.593 5.063   1.00 0.00 ? 55 ALA A H    1 
ATOM 864 H HA   . ALA A 1 55 ? -7.019  -12.881 6.360   1.00 0.00 ? 55 ALA A HA   1 
ATOM 865 H HB1  . ALA A 1 55 ? -5.367  -10.687 7.120   1.00 0.00 ? 55 ALA A HB1  1 
ATOM 866 H HB2  . ALA A 1 55 ? -6.844  -10.518 8.063   1.00 0.00 ? 55 ALA A HB2  1 
ATOM 867 H HB3  . ALA A 1 55 ? -5.906  -12.006 8.155   1.00 0.00 ? 55 ALA A HB3  1 
ATOM 868 N N    . GLN A 1 56 ? -8.694  -10.045 6.337   1.00 1.00 ? 56 GLN A N    1 
ATOM 869 C CA   . GLN A 1 56 ? -10.076 -9.508  6.457   1.00 1.00 ? 56 GLN A CA   1 
ATOM 870 C C    . GLN A 1 56 ? -10.756 -9.361  5.092   1.00 1.00 ? 56 GLN A C    1 
ATOM 871 O O    . GLN A 1 56 ? -11.729 -8.646  4.962   1.00 1.00 ? 56 GLN A O    1 
ATOM 872 C CB   . GLN A 1 56 ? -9.986  -8.116  7.114   1.00 1.00 ? 56 GLN A CB   1 
ATOM 873 C CG   . GLN A 1 56 ? -10.297 -8.234  8.609   1.00 1.00 ? 56 GLN A CG   1 
ATOM 874 C CD   . GLN A 1 56 ? -11.814 -8.265  8.811   1.00 1.00 ? 56 GLN A CD   1 
ATOM 875 O OE1  . GLN A 1 56 ? -12.306 -8.157  9.916   1.00 1.00 ? 56 GLN A OE1  1 
ATOM 876 N NE2  . GLN A 1 56 ? -12.592 -8.412  7.770   1.00 1.00 ? 56 GLN A NE2  1 
ATOM 877 H H    . GLN A 1 56 ? -7.943  -9.439  6.161   1.00 0.00 ? 56 GLN A H    1 
ATOM 878 H HA   . GLN A 1 56 ? -10.665 -10.186 7.072   1.00 0.00 ? 56 GLN A HA   1 
ATOM 879 H HB2  . GLN A 1 56 ? -8.990  -7.719  6.984   1.00 0.00 ? 56 GLN A HB2  1 
ATOM 880 H HB3  . GLN A 1 56 ? -10.693 -7.445  6.652   1.00 0.00 ? 56 GLN A HB3  1 
ATOM 881 H HG2  . GLN A 1 56 ? -9.865  -9.143  9.003   1.00 0.00 ? 56 GLN A HG2  1 
ATOM 882 H HG3  . GLN A 1 56 ? -9.885  -7.387  9.136   1.00 0.00 ? 56 GLN A HG3  1 
ATOM 883 H HE21 . GLN A 1 56 ? -12.201 -8.501  6.875   1.00 0.00 ? 56 GLN A HE21 1 
ATOM 884 H HE22 . GLN A 1 56 ? -13.563 -8.434  7.884   1.00 0.00 ? 56 GLN A HE22 1 
ATOM 885 N N    . ALA A 1 57 ? -10.256 -10.044 4.092   1.00 1.00 ? 57 ALA A N    1 
ATOM 886 C CA   . ALA A 1 57 ? -10.904 -9.906  2.766   1.00 1.00 ? 57 ALA A CA   1 
ATOM 887 C C    . ALA A 1 57 ? -12.211 -10.721 2.663   1.00 1.00 ? 57 ALA A C    1 
ATOM 888 O O    . ALA A 1 57 ? -13.236 -10.177 2.303   1.00 1.00 ? 57 ALA A O    1 
ATOM 889 C CB   . ALA A 1 57 ? -9.931  -10.321 1.648   1.00 1.00 ? 57 ALA A CB   1 
ATOM 890 H H    . ALA A 1 57 ? -9.475  -10.622 4.216   1.00 0.00 ? 57 ALA A H    1 
ATOM 891 H HA   . ALA A 1 57 ? -11.164 -8.869  2.653   1.00 0.00 ? 57 ALA A HA   1 
ATOM 892 H HB1  . ALA A 1 57 ? -9.036  -10.736 2.073   1.00 0.00 ? 57 ALA A HB1  1 
ATOM 893 H HB2  . ALA A 1 57 ? -10.401 -11.054 1.012   1.00 0.00 ? 57 ALA A HB2  1 
ATOM 894 H HB3  . ALA A 1 57 ? -9.673  -9.453  1.055   1.00 0.00 ? 57 ALA A HB3  1 
ATOM 895 N N    . PRO A 1 58 ? -12.170 -12.013 2.979   1.00 1.00 ? 58 PRO A N    1 
ATOM 896 C CA   . PRO A 1 58 ? -13.382 -12.839 2.901   1.00 1.00 ? 58 PRO A CA   1 
ATOM 897 C C    . PRO A 1 58 ? -14.448 -12.362 3.886   1.00 1.00 ? 58 PRO A C    1 
ATOM 898 O O    . PRO A 1 58 ? -14.196 -11.514 4.718   1.00 1.00 ? 58 PRO A O    1 
ATOM 899 C CB   . PRO A 1 58 ? -12.925 -14.257 3.292   1.00 1.00 ? 58 PRO A CB   1 
ATOM 900 C CG   . PRO A 1 58 ? -11.396 -14.197 3.573   1.00 1.00 ? 58 PRO A CG   1 
ATOM 901 C CD   . PRO A 1 58 ? -10.953 -12.734 3.409   1.00 1.00 ? 58 PRO A CD   1 
ATOM 902 H HA   . PRO A 1 58 ? -13.776 -12.819 1.891   1.00 0.00 ? 58 PRO A HA   1 
ATOM 903 H HB2  . PRO A 1 58 ? -13.450 -14.580 4.180   1.00 0.00 ? 58 PRO A HB2  1 
ATOM 904 H HB3  . PRO A 1 58 ? -13.127 -14.945 2.485   1.00 0.00 ? 58 PRO A HB3  1 
ATOM 905 H HG2  . PRO A 1 58 ? -11.192 -14.536 4.577   1.00 0.00 ? 58 PRO A HG2  1 
ATOM 906 H HG3  . PRO A 1 58 ? -10.869 -14.822 2.867   1.00 0.00 ? 58 PRO A HG3  1 
ATOM 907 H HD2  . PRO A 1 58 ? -10.597 -12.347 4.347   1.00 0.00 ? 58 PRO A HD2  1 
ATOM 908 H HD3  . PRO A 1 58 ? -10.188 -12.666 2.659   1.00 0.00 ? 58 PRO A HD3  1 
ATOM 909 N N    . LYS A 1 59 ? -15.623 -12.922 3.772   1.00 1.00 ? 59 LYS A N    1 
ATOM 910 C CA   . LYS A 1 59 ? -16.718 -12.517 4.690   1.00 1.00 ? 59 LYS A CA   1 
ATOM 911 C C    . LYS A 1 59 ? -16.612 -13.270 6.009   1.00 1.00 ? 59 LYS A C    1 
ATOM 912 O O    . LYS A 1 59 ? -17.593 -13.777 6.517   1.00 1.00 ? 59 LYS A O    1 
ATOM 913 C CB   . LYS A 1 59 ? -18.059 -12.867 4.028   1.00 1.00 ? 59 LYS A CB   1 
ATOM 914 C CG   . LYS A 1 59 ? -17.975 -14.277 3.444   1.00 1.00 ? 59 LYS A CG   1 
ATOM 915 C CD   . LYS A 1 59 ? -17.801 -14.182 1.925   1.00 1.00 ? 59 LYS A CD   1 
ATOM 916 C CE   . LYS A 1 59 ? -17.621 -15.587 1.347   1.00 1.00 ? 59 LYS A CE   1 
ATOM 917 N NZ   . LYS A 1 59 ? -18.936 -16.286 1.257   1.00 1.00 ? 59 LYS A NZ   1 
ATOM 918 H H    . LYS A 1 59 ? -15.780 -13.605 3.088   1.00 0.00 ? 59 LYS A H    1 
ATOM 919 H HA   . LYS A 1 59 ? -16.645 -11.449 4.882   1.00 0.00 ? 59 LYS A HA   1 
ATOM 920 H HB2  . LYS A 1 59 ? -18.849 -12.823 4.762   1.00 0.00 ? 59 LYS A HB2  1 
ATOM 921 H HB3  . LYS A 1 59 ? -18.270 -12.159 3.239   1.00 0.00 ? 59 LYS A HB3  1 
ATOM 922 H HG2  . LYS A 1 59 ? -17.131 -14.798 3.874   1.00 0.00 ? 59 LYS A HG2  1 
ATOM 923 H HG3  . LYS A 1 59 ? -18.879 -14.821 3.673   1.00 0.00 ? 59 LYS A HG3  1 
ATOM 924 H HD2  . LYS A 1 59 ? -18.675 -13.720 1.490   1.00 0.00 ? 59 LYS A HD2  1 
ATOM 925 H HD3  . LYS A 1 59 ? -16.934 -13.581 1.698   1.00 0.00 ? 59 LYS A HD3  1 
ATOM 926 H HE2  . LYS A 1 59 ? -17.192 -15.519 0.359   1.00 0.00 ? 59 LYS A HE2  1 
ATOM 927 H HE3  . LYS A 1 59 ? -16.960 -16.161 1.980   1.00 0.00 ? 59 LYS A HE3  1 
ATOM 928 H HZ1  . LYS A 1 59 ? -19.650 -15.752 1.788   1.00 0.00 ? 59 LYS A HZ1  1 
ATOM 929 H HZ2  . LYS A 1 59 ? -19.224 -16.355 0.260   1.00 0.00 ? 59 LYS A HZ2  1 
ATOM 930 H HZ3  . LYS A 1 59 ? -18.848 -17.243 1.659   1.00 0.00 ? 59 LYS A HZ3  1 
ATOM 931 N N    . ALA A 1 60 ? -15.415 -13.328 6.537   1.00 1.00 ? 60 ALA A N    1 
ATOM 932 C CA   . ALA A 1 60 ? -15.207 -14.042 7.825   1.00 1.00 ? 60 ALA A CA   1 
ATOM 933 C C    . ALA A 1 60 ? -14.979 -13.055 8.962   1.00 1.00 ? 60 ALA A C    1 
ATOM 934 O O    . ALA A 1 60 ? -15.102 -11.872 8.685   1.00 1.00 ? 60 ALA A O    1 
ATOM 935 C CB   . ALA A 1 60 ? -13.961 -14.924 7.684   1.00 1.00 ? 60 ALA A CB   1 
ATOM 936 O OXT  . ALA A 1 60 ? -14.694 -13.535 10.046  1.00 1.00 ? 60 ALA A OXT  1 
ATOM 937 H H    . ALA A 1 60 ? -14.657 -12.900 6.086   1.00 0.00 ? 60 ALA A H    1 
ATOM 938 H HA   . ALA A 1 60 ? -16.084 -14.643 8.049   1.00 0.00 ? 60 ALA A HA   1 
ATOM 939 H HB1  . ALA A 1 60 ? -13.114 -14.314 7.403   1.00 0.00 ? 60 ALA A HB1  1 
ATOM 940 H HB2  . ALA A 1 60 ? -13.751 -15.414 8.623   1.00 0.00 ? 60 ALA A HB2  1 
ATOM 941 H HB3  . ALA A 1 60 ? -14.129 -15.671 6.923   1.00 0.00 ? 60 ALA A HB3  1 
# 
